data_2ZVN
#
_entry.id   2ZVN
#
_cell.length_a   59.195
_cell.length_b   141.288
_cell.length_c   144.179
_cell.angle_alpha   90.00
_cell.angle_beta   90.00
_cell.angle_gamma   90.00
#
_symmetry.space_group_name_H-M   'P 21 21 21'
#
loop_
_entity.id
_entity.type
_entity.pdbx_description
1 polymer 'UBC protein'
2 polymer 'NF-kappa-B essential modulator'
3 water water
#
loop_
_entity_poly.entity_id
_entity_poly.type
_entity_poly.pdbx_seq_one_letter_code
_entity_poly.pdbx_strand_id
1 'polypeptide(L)'
;GSMQIFVKTLTGKTITLEVEPSDTIENVKAKIQDKEGIPPDQQRLIFAGKQLEDGRTLSDYNIQKESTLHLVLRLRGGMQ
IFVKTLTGKTITLEVEPSDTIENVKAKIQDKEGIPPDQQRLIFAGKQLEDGRTLSDYNIQKESTLHLVLRLRGG
;
A,G,C,E
2 'polypeptide(L)'
;GSLEDLRQQLQQAEEALVAKQELIDKLKEEAEQHKIVMETVPVLKAQADIYKADFQAERHAREKLVEKKEYLQEQLEQLQ
REFNKLK
;
B,D,F,H
#
# COMPACT_ATOMS: atom_id res chain seq x y z
N MET A 3 29.06 14.31 -14.02
CA MET A 3 28.96 15.28 -12.84
C MET A 3 28.52 16.72 -13.25
N GLN A 4 27.39 16.79 -13.97
CA GLN A 4 26.68 18.05 -14.21
C GLN A 4 25.23 17.71 -14.57
N ILE A 5 24.37 17.57 -13.55
CA ILE A 5 23.00 17.06 -13.74
C ILE A 5 21.87 18.07 -13.53
N PHE A 6 20.73 17.77 -14.18
CA PHE A 6 19.51 18.56 -14.03
C PHE A 6 18.31 17.82 -13.38
N VAL A 7 17.36 18.65 -12.91
CA VAL A 7 16.12 18.16 -12.32
C VAL A 7 14.97 18.94 -12.95
N LYS A 8 13.79 18.34 -12.96
CA LYS A 8 12.66 18.95 -13.65
C LYS A 8 11.33 18.74 -12.91
N THR A 9 10.63 19.85 -12.67
CA THR A 9 9.28 19.80 -12.14
C THR A 9 8.32 19.35 -13.25
N LEU A 10 7.10 18.98 -12.87
CA LEU A 10 6.09 18.56 -13.85
C LEU A 10 5.45 19.75 -14.56
N THR A 11 6.23 20.80 -14.73
CA THR A 11 5.78 21.97 -15.47
C THR A 11 6.66 22.10 -16.70
N GLY A 12 7.80 21.42 -16.66
CA GLY A 12 8.80 21.48 -17.72
C GLY A 12 10.04 22.21 -17.24
N LYS A 13 9.83 23.13 -16.30
CA LYS A 13 10.86 24.05 -15.82
C LYS A 13 12.11 23.30 -15.36
N THR A 14 13.20 23.44 -16.12
CA THR A 14 14.43 22.70 -15.86
C THR A 14 15.49 23.62 -15.27
N ILE A 15 16.37 23.04 -14.45
CA ILE A 15 17.44 23.78 -13.81
C ILE A 15 18.65 22.87 -13.73
N THR A 16 19.81 23.42 -14.08
CA THR A 16 21.07 22.69 -14.09
C THR A 16 21.73 22.79 -12.72
N LEU A 17 22.20 21.65 -12.22
CA LEU A 17 22.74 21.62 -10.87
C LEU A 17 24.14 21.05 -10.88
N GLU A 18 25.09 21.88 -10.47
CA GLU A 18 26.51 21.52 -10.48
C GLU A 18 26.87 20.65 -9.27
N VAL A 19 27.05 19.35 -9.53
CA VAL A 19 27.33 18.35 -8.49
C VAL A 19 28.33 17.29 -8.97
N GLU A 20 28.84 16.49 -8.04
CA GLU A 20 29.70 15.36 -8.39
C GLU A 20 29.06 14.02 -7.98
N PRO A 21 29.40 12.91 -8.70
CA PRO A 21 28.82 11.57 -8.44
C PRO A 21 29.20 10.96 -7.06
N SER A 22 29.16 11.81 -5.99
CA SER A 22 29.46 11.35 -4.63
C SER A 22 28.40 11.74 -3.61
N ASP A 23 27.85 12.95 -3.77
CA ASP A 23 26.86 13.52 -2.83
C ASP A 23 25.69 12.59 -2.49
N THR A 24 25.06 12.83 -1.33
CA THR A 24 23.90 12.08 -0.88
C THR A 24 22.63 12.71 -1.43
N ILE A 25 21.50 12.00 -1.33
CA ILE A 25 20.20 12.50 -1.82
C ILE A 25 19.84 13.82 -1.16
N GLU A 26 20.05 13.89 0.14
CA GLU A 26 19.84 15.13 0.88
C GLU A 26 20.86 16.20 0.51
N ASN A 27 22.07 15.79 0.15
CA ASN A 27 23.08 16.74 -0.32
C ASN A 27 22.65 17.46 -1.57
N VAL A 28 22.02 16.72 -2.48
CA VAL A 28 21.42 17.31 -3.69
C VAL A 28 20.32 18.26 -3.26
N LYS A 29 19.42 17.74 -2.42
CA LYS A 29 18.30 18.51 -1.90
C LYS A 29 18.82 19.78 -1.23
N ALA A 30 19.92 19.64 -0.50
CA ALA A 30 20.53 20.77 0.17
C ALA A 30 20.88 21.85 -0.87
N LYS A 31 21.41 21.39 -2.01
CA LYS A 31 21.90 22.30 -3.06
C LYS A 31 20.76 22.99 -3.80
N ILE A 32 19.65 22.28 -3.96
CA ILE A 32 18.46 22.82 -4.62
C ILE A 32 17.98 24.08 -3.91
N GLN A 33 17.94 24.01 -2.58
CA GLN A 33 17.46 25.10 -1.79
C GLN A 33 18.41 26.28 -1.96
N ASP A 34 19.68 25.97 -2.19
CA ASP A 34 20.69 27.02 -2.43
C ASP A 34 20.33 27.89 -3.61
N LYS A 35 20.09 27.24 -4.76
CA LYS A 35 19.74 27.97 -5.97
C LYS A 35 18.29 28.42 -5.95
N GLU A 36 17.38 27.44 -5.76
CA GLU A 36 15.95 27.72 -5.95
C GLU A 36 15.24 28.25 -4.70
N GLY A 37 15.76 27.88 -3.52
CA GLY A 37 15.13 28.30 -2.26
C GLY A 37 14.01 27.38 -1.79
N ILE A 38 13.92 26.20 -2.41
CA ILE A 38 12.88 25.25 -2.08
C ILE A 38 13.31 24.42 -0.87
N PRO A 39 12.57 24.51 0.25
CA PRO A 39 12.89 23.82 1.49
C PRO A 39 13.04 22.31 1.27
N PRO A 40 14.17 21.73 1.71
CA PRO A 40 14.59 20.35 1.45
C PRO A 40 13.55 19.29 1.74
N ASP A 41 12.82 19.44 2.84
CA ASP A 41 11.83 18.46 3.22
C ASP A 41 10.56 18.50 2.38
N GLN A 42 10.41 19.56 1.58
CA GLN A 42 9.22 19.74 0.73
C GLN A 42 9.45 19.21 -0.65
N GLN A 43 10.62 18.59 -0.85
CA GLN A 43 10.97 18.16 -2.18
C GLN A 43 11.31 16.68 -2.16
N ARG A 44 10.66 15.95 -3.05
CA ARG A 44 10.96 14.53 -3.26
C ARG A 44 11.65 14.39 -4.61
N LEU A 45 12.52 13.40 -4.72
CA LEU A 45 13.25 13.20 -5.97
C LEU A 45 13.11 11.80 -6.52
N ILE A 46 12.96 11.74 -7.85
CA ILE A 46 12.65 10.49 -8.54
C ILE A 46 13.69 10.21 -9.61
N PHE A 47 13.88 8.90 -9.86
CA PHE A 47 14.77 8.43 -10.91
C PHE A 47 14.44 7.00 -11.31
N ALA A 48 14.66 6.69 -12.58
CA ALA A 48 14.38 5.35 -13.10
C ALA A 48 13.05 4.83 -12.55
N GLY A 49 12.11 5.77 -12.42
CA GLY A 49 10.74 5.48 -12.02
C GLY A 49 10.53 5.20 -10.55
N LYS A 50 11.50 5.57 -9.71
CA LYS A 50 11.42 5.29 -8.27
C LYS A 50 11.94 6.43 -7.40
N GLN A 51 11.36 6.54 -6.20
CA GLN A 51 11.69 7.62 -5.26
C GLN A 51 13.05 7.38 -4.63
N LEU A 52 13.79 8.47 -4.41
CA LEU A 52 15.12 8.37 -3.81
C LEU A 52 15.03 8.73 -2.33
N GLU A 53 15.86 8.07 -1.51
CA GLU A 53 15.82 8.30 -0.08
C GLU A 53 17.07 9.04 0.37
N ASP A 54 16.86 10.06 1.19
CA ASP A 54 17.94 10.86 1.75
C ASP A 54 18.98 9.91 2.32
N GLY A 55 20.25 10.30 2.23
CA GLY A 55 21.33 9.45 2.73
C GLY A 55 22.05 8.65 1.64
N ARG A 56 21.39 7.64 1.08
CA ARG A 56 21.96 6.85 -0.02
C ARG A 56 22.52 7.79 -1.09
N THR A 57 23.83 7.68 -1.39
CA THR A 57 24.50 8.61 -2.30
C THR A 57 24.07 8.41 -3.74
N LEU A 58 24.16 9.47 -4.56
CA LEU A 58 23.61 9.47 -5.92
C LEU A 58 24.35 8.55 -6.89
N SER A 59 25.53 8.11 -6.49
CA SER A 59 26.27 7.10 -7.24
C SER A 59 25.39 5.87 -7.37
N ASP A 60 24.97 5.34 -6.21
CA ASP A 60 24.18 4.11 -6.09
C ASP A 60 23.05 4.00 -7.11
N TYR A 61 22.23 5.05 -7.20
CA TYR A 61 21.04 5.03 -8.07
C TYR A 61 21.40 5.23 -9.56
N ASN A 62 22.61 4.81 -9.93
CA ASN A 62 23.08 4.79 -11.33
C ASN A 62 23.12 6.15 -12.03
N ILE A 63 22.98 7.22 -11.27
CA ILE A 63 22.92 8.58 -11.82
C ILE A 63 24.24 8.96 -12.50
N GLN A 64 24.12 9.39 -13.76
CA GLN A 64 25.28 9.77 -14.58
C GLN A 64 25.29 11.28 -14.85
N LYS A 65 26.20 11.71 -15.71
CA LYS A 65 26.24 13.11 -16.14
C LYS A 65 25.04 13.39 -17.03
N GLU A 66 24.60 14.64 -17.03
CA GLU A 66 23.47 15.08 -17.83
C GLU A 66 22.29 14.11 -17.65
N SER A 67 22.29 13.40 -16.54
CA SER A 67 21.20 12.50 -16.22
C SER A 67 20.05 13.32 -15.71
N THR A 68 18.88 13.09 -16.37
CA THR A 68 17.72 13.92 -16.05
C THR A 68 16.95 13.37 -14.84
N LEU A 69 16.95 14.16 -13.76
CA LEU A 69 16.27 13.81 -12.52
C LEU A 69 14.86 14.39 -12.45
N HIS A 70 14.02 13.84 -11.59
CA HIS A 70 12.64 14.30 -11.47
C HIS A 70 12.28 14.81 -10.07
N LEU A 71 11.86 16.07 -9.99
CA LEU A 71 11.56 16.72 -8.71
C LEU A 71 10.07 16.88 -8.51
N VAL A 72 9.62 16.71 -7.28
CA VAL A 72 8.22 16.90 -6.95
C VAL A 72 8.08 17.70 -5.68
N LEU A 73 7.31 18.78 -5.76
CA LEU A 73 7.03 19.61 -4.60
C LEU A 73 5.82 19.11 -3.81
N ARG A 74 6.02 18.87 -2.52
CA ARG A 74 4.93 18.42 -1.65
C ARG A 74 4.02 19.59 -1.40
N LEU A 75 2.97 19.32 -0.63
CA LEU A 75 2.05 20.36 -0.23
C LEU A 75 2.40 20.87 1.17
N ARG A 76 2.76 19.95 2.05
CA ARG A 76 3.17 20.28 3.41
C ARG A 76 4.65 20.49 3.43
N GLY A 77 5.18 20.80 4.61
CA GLY A 77 6.59 21.06 4.75
C GLY A 77 7.22 20.66 6.07
N GLY A 78 6.56 19.76 6.81
CA GLY A 78 7.08 19.33 8.12
C GLY A 78 6.82 20.26 9.32
N MET A 79 7.21 21.52 9.21
CA MET A 79 6.93 22.52 10.24
C MET A 79 6.02 23.67 9.74
N GLN A 80 5.13 24.15 10.59
CA GLN A 80 4.21 25.23 10.23
C GLN A 80 4.03 26.17 11.40
N ILE A 81 3.68 27.43 11.11
CA ILE A 81 3.39 28.41 12.14
C ILE A 81 2.15 29.16 11.71
N PHE A 82 1.63 30.02 12.59
CA PHE A 82 0.42 30.75 12.24
C PHE A 82 0.52 32.27 12.42
N VAL A 83 -0.24 32.99 11.61
CA VAL A 83 -0.18 34.43 11.63
C VAL A 83 -1.61 34.91 11.60
N LYS A 84 -1.90 35.80 12.54
CA LYS A 84 -3.22 36.40 12.69
C LYS A 84 -3.12 37.86 12.22
N THR A 85 -3.98 38.23 11.27
CA THR A 85 -3.92 39.56 10.67
C THR A 85 -4.72 40.55 11.49
N LEU A 86 -4.54 41.83 11.20
CA LEU A 86 -5.27 42.86 11.90
C LEU A 86 -6.76 42.67 11.79
N THR A 87 -7.19 41.90 10.80
CA THR A 87 -8.62 41.65 10.59
C THR A 87 -9.13 40.49 11.43
N GLY A 88 -8.22 39.66 11.92
CA GLY A 88 -8.59 38.46 12.67
C GLY A 88 -8.43 37.19 11.86
N LYS A 89 -7.81 37.31 10.68
CA LYS A 89 -7.61 36.17 9.79
C LYS A 89 -6.42 35.35 10.27
N THR A 90 -6.52 34.03 10.09
CA THR A 90 -5.42 33.13 10.44
C THR A 90 -4.87 32.42 9.22
N ILE A 91 -3.57 32.61 8.97
CA ILE A 91 -2.93 32.03 7.80
C ILE A 91 -1.76 31.17 8.21
N THR A 92 -1.63 30.02 7.57
CA THR A 92 -0.60 29.08 7.96
C THR A 92 0.63 29.22 7.07
N LEU A 93 1.75 29.51 7.70
CA LEU A 93 3.00 29.64 6.98
C LEU A 93 3.83 28.35 7.05
N GLU A 94 4.56 28.07 5.99
CA GLU A 94 5.43 26.90 5.94
C GLU A 94 6.86 27.36 6.17
N VAL A 95 7.45 26.93 7.28
CA VAL A 95 8.74 27.47 7.69
C VAL A 95 9.69 26.38 8.24
N GLU A 96 10.80 26.80 8.83
CA GLU A 96 11.84 25.92 9.36
C GLU A 96 12.49 26.68 10.51
N PRO A 97 13.05 25.97 11.52
CA PRO A 97 13.77 26.67 12.58
C PRO A 97 14.60 27.86 12.08
N SER A 98 15.63 27.59 11.29
CA SER A 98 16.52 28.66 10.84
C SER A 98 15.83 29.45 9.74
N ASP A 99 14.95 30.36 10.16
CA ASP A 99 14.22 31.22 9.24
C ASP A 99 14.18 32.58 9.89
N THR A 100 14.91 33.56 9.35
CA THR A 100 14.91 34.91 9.94
C THR A 100 13.51 35.54 9.87
N ILE A 101 13.35 36.70 10.49
CA ILE A 101 12.07 37.40 10.47
C ILE A 101 11.83 37.93 9.07
N GLU A 102 12.92 38.15 8.33
CA GLU A 102 12.82 38.46 6.91
C GLU A 102 12.32 37.28 6.06
N ASN A 103 12.74 36.06 6.44
CA ASN A 103 12.23 34.81 5.81
C ASN A 103 10.74 34.61 6.03
N VAL A 104 10.27 34.96 7.25
CA VAL A 104 8.87 34.87 7.64
C VAL A 104 8.07 36.00 6.98
N LYS A 105 8.59 37.23 7.09
CA LYS A 105 8.00 38.40 6.47
C LYS A 105 7.81 38.21 4.96
N ALA A 106 8.82 37.58 4.32
CA ALA A 106 8.74 37.17 2.93
C ALA A 106 7.45 36.38 2.64
N LYS A 107 7.31 35.23 3.29
CA LYS A 107 6.20 34.29 3.05
C LYS A 107 4.82 34.90 3.35
N ILE A 108 4.78 35.85 4.28
CA ILE A 108 3.55 36.56 4.67
C ILE A 108 3.10 37.49 3.55
N GLN A 109 4.09 38.07 2.85
CA GLN A 109 3.84 38.92 1.69
C GLN A 109 3.16 38.15 0.56
N ASP A 110 3.59 36.90 0.36
CA ASP A 110 3.01 36.01 -0.64
C ASP A 110 1.49 35.79 -0.42
N LYS A 111 1.11 35.32 0.77
CA LYS A 111 -0.30 35.06 1.03
C LYS A 111 -1.08 36.37 1.11
N GLU A 112 -0.90 37.09 2.22
CA GLU A 112 -1.67 38.30 2.49
C GLU A 112 -1.43 39.43 1.49
N GLY A 113 -0.19 39.49 0.95
CA GLY A 113 0.13 40.53 0.00
C GLY A 113 0.95 41.63 0.62
N ILE A 114 0.39 42.25 1.67
CA ILE A 114 1.02 43.39 2.36
C ILE A 114 2.57 43.40 2.39
N PRO A 115 3.18 44.52 1.97
CA PRO A 115 4.64 44.66 1.90
C PRO A 115 5.35 44.35 3.22
N PRO A 116 6.59 43.84 3.15
CA PRO A 116 7.40 43.52 4.33
C PRO A 116 7.90 44.72 5.17
N ASP A 117 7.12 45.82 5.20
CA ASP A 117 7.55 47.01 5.94
C ASP A 117 6.37 47.68 6.64
N GLN A 118 5.20 47.13 6.42
CA GLN A 118 4.00 47.48 7.18
C GLN A 118 3.91 46.50 8.35
N GLN A 119 4.78 45.48 8.27
CA GLN A 119 4.76 44.32 9.17
C GLN A 119 5.60 44.46 10.43
N ARG A 120 4.86 44.26 11.57
CA ARG A 120 5.52 44.24 12.86
C ARG A 120 4.90 43.06 13.60
N LEU A 121 5.74 42.04 13.82
CA LEU A 121 5.27 40.78 14.41
C LEU A 121 5.49 40.73 15.93
N ILE A 122 4.37 40.65 16.66
CA ILE A 122 4.37 40.54 18.13
C ILE A 122 4.17 39.06 18.55
N PHE A 123 5.23 38.47 19.11
CA PHE A 123 5.18 37.11 19.65
C PHE A 123 5.26 37.12 21.18
N ALA A 124 4.18 36.67 21.81
CA ALA A 124 4.07 36.64 23.27
C ALA A 124 4.61 37.95 23.88
N GLY A 125 3.87 39.05 23.63
CA GLY A 125 4.19 40.36 24.21
C GLY A 125 5.32 41.14 23.56
N LYS A 126 6.42 40.46 23.23
CA LYS A 126 7.62 41.11 22.69
C LYS A 126 7.58 41.24 21.18
N GLN A 127 8.24 42.27 20.67
CA GLN A 127 8.31 42.53 19.23
C GLN A 127 9.44 41.72 18.58
N LEU A 128 9.17 41.20 17.37
CA LEU A 128 10.20 40.48 16.60
C LEU A 128 11.02 41.41 15.71
N GLU A 129 12.25 40.96 15.39
CA GLU A 129 13.17 41.80 14.62
C GLU A 129 13.91 41.05 13.49
N ASP A 130 13.73 41.58 12.29
CA ASP A 130 14.20 41.01 11.01
C ASP A 130 15.47 40.15 11.05
N GLY A 131 16.46 40.61 11.82
CA GLY A 131 17.75 39.96 11.93
C GLY A 131 17.65 38.55 12.49
N ARG A 132 17.09 38.43 13.70
CA ARG A 132 17.01 37.15 14.42
C ARG A 132 16.08 36.15 13.73
N THR A 133 16.50 34.88 13.70
CA THR A 133 15.72 33.78 13.13
C THR A 133 14.60 33.29 14.08
N LEU A 134 13.89 32.24 13.67
CA LEU A 134 12.82 31.68 14.48
C LEU A 134 13.36 31.03 15.73
N SER A 135 14.50 30.37 15.59
CA SER A 135 15.17 29.72 16.70
C SER A 135 15.51 30.68 17.85
N ASP A 136 16.06 31.86 17.52
CA ASP A 136 16.49 32.82 18.54
C ASP A 136 15.39 33.11 19.53
N TYR A 137 14.19 33.33 18.99
CA TYR A 137 13.03 33.63 19.82
C TYR A 137 12.41 32.35 20.36
N ASN A 138 12.94 31.22 19.91
CA ASN A 138 12.44 29.89 20.28
C ASN A 138 10.94 29.72 19.99
N ILE A 139 10.63 29.64 18.70
CA ILE A 139 9.26 29.51 18.23
C ILE A 139 9.09 28.07 17.72
N GLN A 140 8.39 27.27 18.49
CA GLN A 140 8.12 25.88 18.11
C GLN A 140 7.02 25.91 17.08
N LYS A 141 6.88 24.81 16.34
CA LYS A 141 5.80 24.66 15.35
C LYS A 141 4.43 24.85 15.99
N GLU A 142 3.40 24.98 15.17
CA GLU A 142 2.03 25.24 15.61
C GLU A 142 1.83 26.54 16.35
N SER A 143 2.94 27.19 16.72
CA SER A 143 2.91 28.49 17.35
C SER A 143 2.17 29.54 16.50
N THR A 144 1.62 30.57 17.14
CA THR A 144 0.88 31.58 16.39
C THR A 144 1.47 32.96 16.57
N LEU A 145 1.91 33.57 15.47
CA LEU A 145 2.36 34.97 15.49
C LEU A 145 1.19 35.95 15.39
N HIS A 146 1.46 37.23 15.66
CA HIS A 146 0.47 38.30 15.52
C HIS A 146 1.03 39.46 14.72
N LEU A 147 0.20 40.00 13.83
CA LEU A 147 0.57 41.15 13.05
C LEU A 147 -0.21 42.34 13.56
N VAL A 148 0.49 43.44 13.88
CA VAL A 148 -0.14 44.70 14.33
C VAL A 148 0.46 45.91 13.59
N LEU A 149 -0.15 47.09 13.77
CA LEU A 149 0.24 48.33 13.05
C LEU A 149 1.68 48.81 13.35
N ARG A 150 2.41 49.18 12.29
CA ARG A 150 3.77 49.71 12.46
C ARG A 150 3.75 51.20 12.85
N MET B 3 -28.39 2.70 -24.21
CA MET B 3 -26.95 3.14 -24.15
C MET B 3 -26.30 2.72 -22.84
N GLN B 4 -25.11 2.15 -22.91
CA GLN B 4 -24.35 1.78 -21.70
C GLN B 4 -22.88 2.24 -21.72
N ILE B 5 -22.38 2.67 -20.55
CA ILE B 5 -20.98 3.10 -20.39
C ILE B 5 -20.27 2.41 -19.23
N PHE B 6 -18.96 2.24 -19.39
CA PHE B 6 -18.15 1.61 -18.35
C PHE B 6 -17.29 2.66 -17.63
N VAL B 7 -17.52 2.81 -16.33
CA VAL B 7 -16.74 3.70 -15.50
C VAL B 7 -15.69 2.87 -14.76
N LYS B 8 -14.47 3.37 -14.72
CA LYS B 8 -13.38 2.63 -14.11
C LYS B 8 -12.44 3.60 -13.41
N THR B 9 -12.10 3.29 -12.16
CA THR B 9 -11.12 4.07 -11.42
C THR B 9 -9.75 3.66 -11.93
N LEU B 10 -8.71 4.33 -11.44
CA LEU B 10 -7.37 4.05 -11.94
C LEU B 10 -6.87 2.66 -11.61
N THR B 11 -6.95 2.27 -10.34
CA THR B 11 -6.51 0.94 -9.96
C THR B 11 -7.67 -0.07 -9.94
N GLY B 12 -7.99 -0.62 -11.12
CA GLY B 12 -8.92 -1.75 -11.26
C GLY B 12 -10.37 -1.46 -10.91
N LYS B 13 -11.26 -2.40 -11.26
CA LYS B 13 -12.70 -2.30 -10.94
C LYS B 13 -13.50 -1.47 -11.95
N THR B 14 -14.11 -2.16 -12.91
CA THR B 14 -14.94 -1.54 -13.95
C THR B 14 -16.40 -1.89 -13.76
N ILE B 15 -17.19 -0.92 -13.33
CA ILE B 15 -18.64 -1.10 -13.26
C ILE B 15 -19.32 -0.67 -14.56
N THR B 16 -20.32 -1.43 -14.97
CA THR B 16 -21.10 -1.08 -16.16
C THR B 16 -22.51 -0.61 -15.76
N LEU B 17 -22.96 0.51 -16.40
CA LEU B 17 -24.25 1.11 -16.02
C LEU B 17 -25.03 1.67 -17.22
N GLU B 18 -26.35 1.69 -17.10
CA GLU B 18 -27.27 2.01 -18.20
C GLU B 18 -27.89 3.39 -18.04
N VAL B 19 -27.71 4.23 -19.07
CA VAL B 19 -28.06 5.63 -18.94
C VAL B 19 -28.60 6.19 -20.24
N GLU B 20 -29.25 7.37 -20.13
CA GLU B 20 -29.70 8.10 -21.31
C GLU B 20 -28.79 9.30 -21.67
N PRO B 21 -28.67 9.63 -22.98
CA PRO B 21 -27.86 10.80 -23.40
C PRO B 21 -28.23 12.15 -22.73
N SER B 22 -29.52 12.34 -22.39
CA SER B 22 -29.97 13.58 -21.74
C SER B 22 -29.69 13.60 -20.23
N ASP B 23 -29.43 12.43 -19.65
CA ASP B 23 -29.00 12.29 -18.25
C ASP B 23 -27.75 13.13 -18.02
N THR B 24 -27.79 13.94 -16.97
CA THR B 24 -26.67 14.80 -16.63
C THR B 24 -25.55 14.03 -15.91
N ILE B 25 -24.46 14.73 -15.59
CA ILE B 25 -23.37 14.11 -14.85
C ILE B 25 -23.81 13.82 -13.41
N GLU B 26 -24.41 14.81 -12.74
CA GLU B 26 -24.96 14.62 -11.38
C GLU B 26 -25.93 13.44 -11.35
N ASN B 27 -26.45 13.11 -12.52
CA ASN B 27 -27.38 12.01 -12.72
C ASN B 27 -26.68 10.65 -12.71
N VAL B 28 -25.53 10.60 -13.41
CA VAL B 28 -24.71 9.41 -13.50
C VAL B 28 -23.98 9.11 -12.18
N LYS B 29 -23.58 10.17 -11.47
CA LYS B 29 -23.01 10.04 -10.13
C LYS B 29 -24.01 9.43 -9.13
N ALA B 30 -25.26 9.90 -9.18
CA ALA B 30 -26.30 9.29 -8.37
C ALA B 30 -26.38 7.80 -8.63
N LYS B 31 -26.22 7.42 -9.89
CA LYS B 31 -26.28 6.01 -10.31
C LYS B 31 -25.05 5.22 -9.86
N ILE B 32 -23.88 5.84 -9.88
CA ILE B 32 -22.65 5.21 -9.37
C ILE B 32 -22.70 4.98 -7.86
N GLN B 33 -23.43 5.84 -7.14
CA GLN B 33 -23.65 5.66 -5.69
C GLN B 33 -24.64 4.54 -5.47
N ASP B 34 -25.73 4.59 -6.23
CA ASP B 34 -26.76 3.59 -6.19
C ASP B 34 -26.20 2.16 -6.27
N LYS B 35 -25.07 1.98 -6.93
CA LYS B 35 -24.54 0.63 -7.12
C LYS B 35 -23.13 0.43 -6.58
N GLU B 36 -22.61 1.43 -5.88
CA GLU B 36 -21.24 1.32 -5.38
C GLU B 36 -21.04 2.02 -4.04
N GLY B 37 -22.04 2.81 -3.63
CA GLY B 37 -21.97 3.45 -2.33
C GLY B 37 -21.31 4.81 -2.36
N ILE B 38 -20.24 4.96 -3.14
CA ILE B 38 -19.45 6.20 -3.17
C ILE B 38 -20.33 7.42 -3.31
N PRO B 39 -20.35 8.28 -2.30
CA PRO B 39 -21.11 9.50 -2.35
C PRO B 39 -20.66 10.39 -3.49
N PRO B 40 -21.63 10.98 -4.21
CA PRO B 40 -21.43 11.90 -5.30
C PRO B 40 -20.45 13.03 -4.99
N ASP B 41 -20.38 13.48 -3.74
CA ASP B 41 -19.41 14.55 -3.46
C ASP B 41 -17.98 14.05 -3.35
N GLN B 42 -17.81 12.75 -3.54
CA GLN B 42 -16.53 12.09 -3.38
C GLN B 42 -16.01 11.51 -4.69
N GLN B 43 -16.87 11.53 -5.70
CA GLN B 43 -16.52 11.04 -7.01
C GLN B 43 -16.47 12.17 -8.01
N ARG B 44 -15.37 12.25 -8.76
CA ARG B 44 -15.21 13.13 -9.93
C ARG B 44 -15.07 12.32 -11.22
N LEU B 45 -15.90 12.61 -12.23
CA LEU B 45 -15.82 11.91 -13.52
C LEU B 45 -14.95 12.69 -14.51
N ILE B 46 -14.38 11.96 -15.47
CA ILE B 46 -13.48 12.52 -16.48
C ILE B 46 -13.72 11.84 -17.81
N PHE B 47 -13.97 12.65 -18.83
CA PHE B 47 -14.02 12.14 -20.19
C PHE B 47 -13.08 12.94 -21.06
N ALA B 48 -12.32 12.25 -21.90
CA ALA B 48 -11.39 12.92 -22.79
C ALA B 48 -10.47 13.84 -22.00
N GLY B 49 -10.08 13.40 -20.80
CA GLY B 49 -9.16 14.18 -19.99
C GLY B 49 -9.71 15.48 -19.43
N LYS B 50 -11.04 15.56 -19.29
CA LYS B 50 -11.66 16.74 -18.72
C LYS B 50 -12.53 16.32 -17.55
N GLN B 51 -12.61 17.19 -16.55
CA GLN B 51 -13.45 16.90 -15.39
C GLN B 51 -14.89 17.29 -15.70
N LEU B 52 -15.73 16.30 -15.99
CA LEU B 52 -17.16 16.57 -16.23
C LEU B 52 -17.85 17.47 -15.14
N GLU B 53 -18.99 18.04 -15.53
CA GLU B 53 -19.75 18.93 -14.68
C GLU B 53 -21.19 18.46 -14.48
N ASP B 54 -21.62 18.49 -13.22
CA ASP B 54 -22.89 17.93 -12.77
C ASP B 54 -24.13 18.48 -13.52
N GLY B 55 -24.01 19.71 -14.00
CA GLY B 55 -25.11 20.39 -14.67
C GLY B 55 -25.30 20.06 -16.15
N ARG B 56 -24.23 19.70 -16.84
CA ARG B 56 -24.28 19.36 -18.27
C ARG B 56 -24.57 17.87 -18.50
N THR B 57 -25.02 17.52 -19.70
CA THR B 57 -25.42 16.15 -20.02
C THR B 57 -24.29 15.31 -20.68
N LEU B 58 -24.59 14.03 -20.93
CA LEU B 58 -23.68 13.17 -21.69
C LEU B 58 -23.56 13.61 -23.16
N SER B 59 -24.63 14.20 -23.70
CA SER B 59 -24.55 14.78 -25.01
C SER B 59 -23.58 15.95 -25.03
N ASP B 60 -23.62 16.79 -24.00
CA ASP B 60 -22.75 17.98 -23.95
C ASP B 60 -21.27 17.62 -24.04
N TYR B 61 -20.99 16.33 -23.82
CA TYR B 61 -19.63 15.83 -23.84
C TYR B 61 -19.36 14.73 -24.88
N ASN B 62 -20.39 14.36 -25.65
CA ASN B 62 -20.30 13.33 -26.70
C ASN B 62 -20.05 11.91 -26.17
N ILE B 63 -20.75 11.58 -25.08
CA ILE B 63 -20.61 10.29 -24.46
C ILE B 63 -21.63 9.35 -25.06
N GLN B 64 -21.19 8.61 -26.06
CA GLN B 64 -22.08 7.66 -26.75
C GLN B 64 -22.01 6.30 -26.08
N LYS B 65 -22.62 5.29 -26.71
CA LYS B 65 -22.67 3.93 -26.17
C LYS B 65 -21.26 3.34 -26.03
N GLU B 66 -21.12 2.25 -25.29
CA GLU B 66 -19.83 1.55 -25.11
C GLU B 66 -18.65 2.45 -24.69
N SER B 67 -18.97 3.68 -24.27
CA SER B 67 -17.97 4.66 -23.86
C SER B 67 -17.44 4.41 -22.45
N THR B 68 -16.32 5.06 -22.14
CA THR B 68 -15.71 4.88 -20.84
C THR B 68 -15.44 6.21 -20.19
N LEU B 69 -15.93 6.37 -18.96
CA LEU B 69 -15.62 7.55 -18.16
C LEU B 69 -14.70 7.11 -17.04
N HIS B 70 -13.67 7.98 -16.75
CA HIS B 70 -12.71 7.61 -15.70
C HIS B 70 -13.18 8.16 -14.34
N LEU B 71 -13.02 7.37 -13.28
CA LEU B 71 -13.43 7.82 -11.95
C LEU B 71 -12.25 8.02 -11.02
N VAL B 72 -12.32 9.11 -10.28
CA VAL B 72 -11.29 9.48 -9.31
C VAL B 72 -12.01 9.69 -7.98
N LEU B 73 -11.53 9.02 -6.93
CA LEU B 73 -12.11 9.22 -5.60
C LEU B 73 -11.43 10.34 -4.86
N ARG B 74 -12.25 11.15 -4.21
CA ARG B 74 -11.77 12.27 -3.43
C ARG B 74 -11.02 11.74 -2.20
N LEU B 75 -10.61 12.63 -1.32
CA LEU B 75 -9.95 12.20 -0.10
C LEU B 75 -10.81 12.68 1.08
N ARG B 76 -11.79 13.54 0.79
CA ARG B 76 -12.75 13.98 1.80
C ARG B 76 -14.03 14.19 1.07
N GLY B 77 -15.02 14.84 1.70
CA GLY B 77 -16.35 14.86 1.10
C GLY B 77 -17.22 16.08 1.33
N GLY B 78 -16.70 17.09 2.01
CA GLY B 78 -17.53 18.30 2.18
C GLY B 78 -18.20 18.35 3.55
N MET B 79 -18.73 17.22 3.98
CA MET B 79 -19.19 17.12 5.35
C MET B 79 -18.53 15.98 6.09
N GLN B 80 -18.02 16.29 7.27
CA GLN B 80 -17.50 15.24 8.15
C GLN B 80 -17.75 15.57 9.60
N ILE B 81 -17.98 14.52 10.39
CA ILE B 81 -18.26 14.70 11.80
C ILE B 81 -17.11 14.10 12.53
N PHE B 82 -17.13 14.19 13.85
CA PHE B 82 -16.10 13.52 14.63
C PHE B 82 -16.68 12.58 15.67
N VAL B 83 -15.89 11.58 16.02
CA VAL B 83 -16.32 10.64 17.05
C VAL B 83 -15.21 10.42 18.06
N LYS B 84 -15.53 10.77 19.31
CA LYS B 84 -14.65 10.61 20.47
C LYS B 84 -15.14 9.45 21.28
N THR B 85 -14.25 8.50 21.56
CA THR B 85 -14.58 7.34 22.41
C THR B 85 -14.73 7.67 23.91
N LEU B 86 -15.07 8.95 24.21
CA LEU B 86 -15.35 9.49 25.57
C LEU B 86 -14.13 9.77 26.47
N THR B 87 -12.97 9.26 26.06
CA THR B 87 -11.72 9.35 26.84
C THR B 87 -10.54 9.07 25.93
N GLY B 88 -10.78 8.27 24.89
CA GLY B 88 -9.76 7.96 23.92
C GLY B 88 -9.61 8.97 22.77
N LYS B 89 -8.95 8.48 21.72
CA LYS B 89 -8.62 9.28 20.55
C LYS B 89 -9.88 9.63 19.81
N THR B 90 -9.82 10.73 19.06
CA THR B 90 -10.97 11.19 18.33
C THR B 90 -10.79 10.80 16.87
N ILE B 91 -11.86 10.36 16.21
CA ILE B 91 -11.75 10.01 14.78
C ILE B 91 -12.68 10.84 13.88
N THR B 92 -12.29 10.93 12.61
CA THR B 92 -13.03 11.70 11.62
C THR B 92 -13.85 10.78 10.74
N LEU B 93 -15.10 11.14 10.55
CA LEU B 93 -15.97 10.34 9.73
C LEU B 93 -16.42 11.14 8.50
N GLU B 94 -16.42 10.50 7.34
CA GLU B 94 -16.96 11.12 6.14
C GLU B 94 -18.44 10.81 6.00
N VAL B 95 -19.31 11.80 6.25
CA VAL B 95 -20.77 11.51 6.26
C VAL B 95 -21.59 12.32 5.28
N GLU B 96 -22.87 11.98 5.14
CA GLU B 96 -23.84 12.75 4.36
C GLU B 96 -25.02 13.00 5.25
N PRO B 97 -25.56 14.22 5.23
CA PRO B 97 -26.70 14.49 6.09
C PRO B 97 -27.84 13.48 6.09
N SER B 98 -27.96 12.64 5.07
CA SER B 98 -29.06 11.65 5.04
C SER B 98 -28.58 10.22 5.37
N ASP B 99 -27.35 10.11 5.87
CA ASP B 99 -26.85 8.86 6.41
C ASP B 99 -27.64 8.45 7.64
N THR B 100 -28.04 7.17 7.70
CA THR B 100 -28.67 6.63 8.91
C THR B 100 -27.61 6.41 9.98
N ILE B 101 -28.02 6.29 11.25
CA ILE B 101 -27.07 6.00 12.34
C ILE B 101 -26.36 4.65 12.21
N GLU B 102 -27.07 3.65 11.69
CA GLU B 102 -26.43 2.35 11.48
C GLU B 102 -25.31 2.50 10.51
N ASN B 103 -25.53 3.26 9.43
CA ASN B 103 -24.47 3.54 8.46
C ASN B 103 -23.28 4.26 9.10
N VAL B 104 -23.53 4.98 10.19
CA VAL B 104 -22.50 5.69 10.95
C VAL B 104 -21.74 4.70 11.78
N LYS B 105 -22.43 3.67 12.26
CA LYS B 105 -21.77 2.56 12.99
C LYS B 105 -20.81 1.77 12.07
N ALA B 106 -21.34 1.34 10.92
CA ALA B 106 -20.51 0.72 9.88
C ALA B 106 -19.28 1.56 9.57
N LYS B 107 -19.46 2.86 9.42
CA LYS B 107 -18.33 3.75 9.14
C LYS B 107 -17.37 3.81 10.30
N ILE B 108 -17.86 3.59 11.52
CA ILE B 108 -17.00 3.57 12.69
C ILE B 108 -16.25 2.25 12.75
N GLN B 109 -16.99 1.17 12.59
CA GLN B 109 -16.42 -0.17 12.50
C GLN B 109 -15.32 -0.31 11.46
N ASP B 110 -15.38 0.50 10.41
CA ASP B 110 -14.36 0.42 9.36
C ASP B 110 -13.10 1.03 9.89
N LYS B 111 -13.25 1.91 10.88
CA LYS B 111 -12.11 2.69 11.40
C LYS B 111 -11.54 2.16 12.70
N GLU B 112 -12.34 1.51 13.51
CA GLU B 112 -11.88 1.11 14.82
C GLU B 112 -12.36 -0.27 15.25
N GLY B 113 -12.93 -1.00 14.30
CA GLY B 113 -13.31 -2.40 14.55
C GLY B 113 -14.54 -2.59 15.40
N ILE B 114 -14.87 -1.58 16.20
CA ILE B 114 -16.02 -1.64 17.11
C ILE B 114 -17.25 -2.13 16.36
N PRO B 115 -17.81 -3.26 16.80
CA PRO B 115 -19.04 -3.76 16.22
C PRO B 115 -20.26 -2.87 16.49
N PRO B 116 -21.05 -2.58 15.44
CA PRO B 116 -22.24 -1.77 15.55
C PRO B 116 -23.15 -2.17 16.71
N ASP B 117 -23.17 -3.44 17.07
CA ASP B 117 -23.97 -3.88 18.23
C ASP B 117 -23.44 -3.32 19.56
N GLN B 118 -22.12 -3.30 19.66
CA GLN B 118 -21.46 -2.82 20.87
C GLN B 118 -21.35 -1.29 20.90
N GLN B 119 -22.04 -0.61 19.99
CA GLN B 119 -21.98 0.87 19.90
C GLN B 119 -23.22 1.62 20.42
N ARG B 120 -22.98 2.59 21.29
CA ARG B 120 -24.01 3.50 21.78
C ARG B 120 -23.54 4.92 21.48
N LEU B 121 -24.34 5.69 20.73
CA LEU B 121 -23.92 7.05 20.31
C LEU B 121 -24.85 8.08 20.89
N ILE B 122 -24.25 9.11 21.49
CA ILE B 122 -25.04 10.20 22.04
C ILE B 122 -24.66 11.48 21.30
N PHE B 123 -25.63 12.29 20.94
CA PHE B 123 -25.29 13.54 20.29
C PHE B 123 -25.81 14.74 21.02
N ALA B 124 -24.90 15.41 21.73
CA ALA B 124 -25.25 16.54 22.61
C ALA B 124 -26.49 16.15 23.42
N GLY B 125 -26.30 15.18 24.35
CA GLY B 125 -27.42 14.51 25.02
C GLY B 125 -28.25 13.80 23.96
N LYS B 126 -29.19 12.97 24.38
CA LYS B 126 -29.99 12.23 23.40
C LYS B 126 -29.18 11.12 22.75
N GLN B 127 -29.71 9.91 22.79
CA GLN B 127 -29.08 8.78 22.16
C GLN B 127 -29.69 8.62 20.79
N LEU B 128 -28.84 8.34 19.82
CA LEU B 128 -29.25 8.22 18.44
C LEU B 128 -29.79 6.81 18.12
N GLU B 129 -31.06 6.70 17.74
CA GLU B 129 -31.66 5.43 17.33
C GLU B 129 -31.22 5.03 15.93
N ASP B 130 -31.49 3.79 15.50
CA ASP B 130 -30.93 3.28 14.23
C ASP B 130 -31.76 3.54 12.97
N GLY B 131 -33.04 3.87 13.15
CA GLY B 131 -33.92 4.02 12.00
C GLY B 131 -33.94 5.46 11.54
N ARG B 132 -33.18 6.29 12.24
CA ARG B 132 -33.20 7.73 12.02
C ARG B 132 -31.91 8.18 11.33
N THR B 133 -31.87 9.44 10.89
CA THR B 133 -30.68 9.96 10.20
C THR B 133 -30.05 11.10 10.92
N LEU B 134 -28.81 11.43 10.55
CA LEU B 134 -28.10 12.59 11.12
C LEU B 134 -28.91 13.87 10.94
N SER B 135 -29.64 13.97 9.84
CA SER B 135 -30.47 15.14 9.62
C SER B 135 -31.65 15.17 10.58
N ASP B 136 -32.09 13.98 10.99
CA ASP B 136 -33.19 13.88 11.90
C ASP B 136 -32.82 14.43 13.26
N TYR B 137 -31.52 14.42 13.62
CA TYR B 137 -31.03 14.99 14.90
C TYR B 137 -30.30 16.30 14.65
N ASN B 138 -30.48 16.83 13.44
CA ASN B 138 -29.88 18.10 13.07
C ASN B 138 -28.36 18.13 13.31
N ILE B 139 -27.71 17.05 12.92
CA ILE B 139 -26.26 16.92 13.03
C ILE B 139 -25.65 17.48 11.76
N GLN B 140 -24.69 18.39 11.89
CA GLN B 140 -24.02 18.94 10.71
C GLN B 140 -22.52 18.94 10.82
N LYS B 141 -21.82 19.19 9.71
CA LYS B 141 -20.36 19.21 9.70
C LYS B 141 -19.69 19.76 10.96
N GLU B 142 -18.59 19.11 11.36
CA GLU B 142 -17.80 19.54 12.48
C GLU B 142 -18.40 19.08 13.77
N SER B 143 -19.66 18.67 13.71
CA SER B 143 -20.35 18.11 14.87
C SER B 143 -19.55 16.97 15.43
N THR B 144 -19.62 16.78 16.74
CA THR B 144 -18.91 15.66 17.37
C THR B 144 -19.85 14.72 18.10
N LEU B 145 -19.74 13.42 17.80
CA LEU B 145 -20.57 12.38 18.43
C LEU B 145 -19.78 11.70 19.52
N HIS B 146 -20.51 11.26 20.56
CA HIS B 146 -19.93 10.58 21.72
C HIS B 146 -20.18 9.09 21.67
N LEU B 147 -19.11 8.32 21.84
CA LEU B 147 -19.16 6.85 21.75
C LEU B 147 -19.05 6.19 23.12
N VAL B 148 -19.94 5.25 23.38
CA VAL B 148 -20.02 4.59 24.68
C VAL B 148 -19.92 3.09 24.44
N SER C 2 20.71 -17.78 -65.54
CA SER C 2 20.96 -16.66 -64.65
C SER C 2 19.72 -16.14 -63.95
N LEU C 3 18.85 -15.50 -64.72
CA LEU C 3 17.46 -15.86 -64.67
C LEU C 3 17.48 -16.79 -63.51
N GLU C 4 18.65 -17.35 -63.29
CA GLU C 4 18.93 -18.20 -62.13
C GLU C 4 19.15 -17.30 -60.90
N ASP C 5 19.97 -16.27 -61.08
CA ASP C 5 20.30 -15.31 -60.02
C ASP C 5 19.06 -14.46 -59.69
N LEU C 6 18.33 -14.11 -60.73
CA LEU C 6 17.16 -13.24 -60.58
C LEU C 6 16.17 -13.87 -59.61
N ARG C 7 16.06 -15.20 -59.63
CA ARG C 7 15.16 -15.91 -58.72
C ARG C 7 15.72 -15.94 -57.31
N GLN C 8 17.06 -16.04 -57.20
CA GLN C 8 17.71 -16.14 -55.91
C GLN C 8 17.63 -14.82 -55.16
N GLN C 9 17.16 -13.80 -55.86
CA GLN C 9 17.04 -12.46 -55.31
C GLN C 9 15.60 -12.20 -54.89
N LEU C 10 14.67 -12.79 -55.60
CA LEU C 10 13.26 -12.67 -55.29
C LEU C 10 13.02 -13.30 -53.93
N GLN C 11 13.47 -14.55 -53.79
CA GLN C 11 13.44 -15.28 -52.51
C GLN C 11 14.20 -14.53 -51.39
N GLN C 12 15.48 -14.26 -51.61
CA GLN C 12 16.26 -13.39 -50.75
C GLN C 12 15.43 -12.21 -50.19
N ALA C 13 14.61 -11.59 -51.05
CA ALA C 13 13.90 -10.33 -50.70
C ALA C 13 12.55 -10.51 -50.02
N GLU C 14 11.93 -11.69 -50.20
CA GLU C 14 10.65 -12.00 -49.55
C GLU C 14 10.87 -12.34 -48.08
N GLU C 15 12.08 -12.82 -47.80
CA GLU C 15 12.51 -13.14 -46.45
C GLU C 15 12.95 -11.90 -45.68
N ALA C 16 13.29 -10.85 -46.42
CA ALA C 16 13.55 -9.54 -45.81
C ALA C 16 12.23 -8.91 -45.47
N LEU C 17 11.24 -9.09 -46.34
CA LEU C 17 9.95 -8.50 -46.12
C LEU C 17 9.30 -9.01 -44.86
N VAL C 18 9.44 -10.32 -44.61
CA VAL C 18 8.79 -10.94 -43.43
C VAL C 18 9.53 -10.53 -42.15
N ALA C 19 10.85 -10.64 -42.19
CA ALA C 19 11.72 -10.22 -41.10
C ALA C 19 11.51 -8.77 -40.70
N LYS C 20 11.15 -7.94 -41.66
CA LYS C 20 10.97 -6.51 -41.44
C LYS C 20 9.56 -6.27 -40.89
N GLN C 21 8.61 -7.04 -41.44
CA GLN C 21 7.22 -6.96 -41.09
C GLN C 21 7.06 -7.32 -39.64
N GLU C 22 7.98 -8.15 -39.12
CA GLU C 22 7.94 -8.51 -37.73
C GLU C 22 8.41 -7.36 -36.86
N LEU C 23 9.46 -6.68 -37.30
CA LEU C 23 9.96 -5.51 -36.60
C LEU C 23 8.94 -4.41 -36.63
N ILE C 24 7.90 -4.55 -37.45
CA ILE C 24 6.83 -3.55 -37.52
C ILE C 24 5.75 -3.90 -36.51
N ASP C 25 5.19 -5.12 -36.64
CA ASP C 25 4.19 -5.67 -35.71
C ASP C 25 4.61 -5.37 -34.27
N LYS C 26 5.88 -5.60 -33.99
CA LYS C 26 6.47 -5.33 -32.69
C LYS C 26 6.23 -3.88 -32.38
N LEU C 27 6.99 -2.99 -33.00
CA LEU C 27 6.83 -1.55 -32.81
C LEU C 27 5.37 -1.10 -32.82
N LYS C 28 4.54 -1.73 -33.64
CA LYS C 28 3.10 -1.44 -33.66
C LYS C 28 2.45 -1.78 -32.31
N GLU C 29 2.57 -3.04 -31.87
CA GLU C 29 2.13 -3.44 -30.51
C GLU C 29 2.70 -2.56 -29.39
N GLU C 30 4.00 -2.33 -29.37
CA GLU C 30 4.59 -1.56 -28.29
C GLU C 30 4.05 -0.14 -28.27
N ALA C 31 3.79 0.40 -29.47
CA ALA C 31 3.22 1.74 -29.62
C ALA C 31 1.82 1.79 -29.05
N GLU C 32 1.03 0.74 -29.30
CA GLU C 32 -0.32 0.68 -28.72
C GLU C 32 -0.34 0.68 -27.19
N GLN C 33 0.46 -0.23 -26.64
CA GLN C 33 0.62 -0.36 -25.21
C GLN C 33 0.89 1.01 -24.64
N HIS C 34 1.87 1.71 -25.22
CA HIS C 34 2.19 3.09 -24.84
C HIS C 34 0.97 4.00 -24.88
N LYS C 35 0.20 3.92 -25.96
CA LYS C 35 -0.99 4.76 -26.10
C LYS C 35 -2.02 4.47 -24.99
N ILE C 36 -2.07 3.22 -24.56
CA ILE C 36 -2.92 2.85 -23.42
C ILE C 36 -2.40 3.52 -22.15
N VAL C 37 -1.10 3.41 -21.87
CA VAL C 37 -0.56 4.04 -20.65
C VAL C 37 -0.71 5.57 -20.68
N MET C 38 -0.63 6.19 -21.87
CA MET C 38 -0.66 7.66 -21.99
C MET C 38 -2.03 8.23 -21.77
N GLU C 39 -3.06 7.52 -22.25
CA GLU C 39 -4.44 7.98 -22.16
C GLU C 39 -4.89 8.08 -20.71
N THR C 40 -3.96 7.86 -19.81
CA THR C 40 -4.30 7.89 -18.41
C THR C 40 -3.71 9.13 -17.73
N VAL C 41 -2.71 9.75 -18.37
CA VAL C 41 -2.10 10.95 -17.77
C VAL C 41 -3.11 12.05 -17.45
N PRO C 42 -4.07 12.34 -18.37
CA PRO C 42 -5.13 13.26 -17.95
C PRO C 42 -5.66 12.93 -16.55
N VAL C 43 -5.96 11.66 -16.31
CA VAL C 43 -6.49 11.22 -15.02
C VAL C 43 -5.49 11.43 -13.88
N LEU C 44 -4.22 11.10 -14.12
CA LEU C 44 -3.21 11.32 -13.12
C LEU C 44 -3.17 12.78 -12.73
N LYS C 45 -3.31 13.64 -13.73
CA LYS C 45 -3.30 15.09 -13.63
C LYS C 45 -4.42 15.53 -12.71
N ALA C 46 -5.64 15.23 -13.15
CA ALA C 46 -6.89 15.49 -12.40
C ALA C 46 -6.81 15.03 -10.94
N GLN C 47 -6.30 13.82 -10.73
CA GLN C 47 -6.14 13.25 -9.41
C GLN C 47 -5.16 14.06 -8.54
N ALA C 48 -3.96 14.35 -9.07
CA ALA C 48 -2.97 15.16 -8.36
C ALA C 48 -3.67 16.44 -7.92
N ASP C 49 -4.52 16.92 -8.82
CA ASP C 49 -5.24 18.17 -8.70
C ASP C 49 -6.23 18.08 -7.55
N ILE C 50 -7.14 17.12 -7.65
CA ILE C 50 -8.12 16.88 -6.62
C ILE C 50 -7.51 16.75 -5.23
N TYR C 51 -6.58 15.80 -5.07
CA TYR C 51 -5.88 15.65 -3.78
C TYR C 51 -5.43 16.99 -3.17
N LYS C 52 -4.66 17.77 -3.93
CA LYS C 52 -4.25 19.11 -3.55
C LYS C 52 -5.46 19.91 -3.09
N ALA C 53 -6.56 19.78 -3.83
CA ALA C 53 -7.79 20.48 -3.44
C ALA C 53 -8.22 20.10 -2.02
N ASP C 54 -8.44 18.80 -1.82
CA ASP C 54 -8.84 18.28 -0.53
C ASP C 54 -7.88 18.70 0.57
N PHE C 55 -6.58 18.60 0.30
CA PHE C 55 -5.58 19.07 1.22
C PHE C 55 -5.91 20.50 1.64
N GLN C 56 -6.14 21.36 0.66
CA GLN C 56 -6.39 22.78 0.94
C GLN C 56 -7.57 22.90 1.84
N ALA C 57 -8.61 22.12 1.57
CA ALA C 57 -9.77 22.12 2.40
C ALA C 57 -9.40 21.81 3.86
N GLU C 58 -8.74 20.67 4.09
CA GLU C 58 -8.25 20.32 5.43
C GLU C 58 -7.38 21.42 6.09
N ARG C 59 -6.53 22.09 5.33
CA ARG C 59 -5.73 23.18 5.88
C ARG C 59 -6.57 24.37 6.31
N HIS C 60 -7.73 24.56 5.70
CA HIS C 60 -8.52 25.66 6.21
C HIS C 60 -9.30 25.20 7.44
N ALA C 61 -9.86 23.99 7.39
CA ALA C 61 -10.56 23.43 8.56
C ALA C 61 -9.67 23.58 9.79
N ARG C 62 -8.41 23.17 9.64
CA ARG C 62 -7.43 23.29 10.70
C ARG C 62 -7.24 24.75 11.07
N GLU C 63 -7.20 25.61 10.06
CA GLU C 63 -7.03 27.03 10.32
C GLU C 63 -8.12 27.61 11.22
N LYS C 64 -9.37 27.25 10.97
CA LYS C 64 -10.47 27.69 11.84
C LYS C 64 -10.26 27.24 13.30
N LEU C 65 -9.93 25.97 13.47
CA LEU C 65 -9.69 25.47 14.81
C LEU C 65 -8.54 26.21 15.51
N VAL C 66 -7.44 26.44 14.80
CA VAL C 66 -6.35 27.12 15.46
C VAL C 66 -6.87 28.45 15.93
N GLU C 67 -7.89 28.96 15.26
CA GLU C 67 -8.45 30.26 15.56
C GLU C 67 -9.42 30.17 16.74
N LYS C 68 -10.03 29.00 16.89
CA LYS C 68 -10.94 28.70 18.00
C LYS C 68 -10.11 28.48 19.24
N LYS C 69 -9.18 27.54 19.16
CA LYS C 69 -8.25 27.23 20.25
C LYS C 69 -7.72 28.51 20.89
N GLU C 70 -7.31 29.47 20.05
CA GLU C 70 -6.80 30.77 20.48
C GLU C 70 -7.83 31.50 21.33
N TYR C 71 -9.08 31.40 20.89
CA TYR C 71 -10.15 32.17 21.46
C TYR C 71 -10.48 31.66 22.85
N LEU C 72 -10.72 30.36 22.94
CA LEU C 72 -10.97 29.70 24.21
C LEU C 72 -9.76 29.79 25.13
N GLN C 73 -8.57 29.80 24.53
CA GLN C 73 -7.35 29.92 25.29
C GLN C 73 -7.37 31.21 26.06
N GLU C 74 -7.68 32.33 25.40
CA GLU C 74 -7.60 33.62 26.08
C GLU C 74 -8.86 33.89 26.87
N GLN C 75 -9.82 32.99 26.78
CA GLN C 75 -11.05 33.15 27.53
C GLN C 75 -10.93 32.43 28.85
N LEU C 76 -10.13 31.37 28.84
CA LEU C 76 -9.70 30.68 30.06
C LEU C 76 -8.83 31.65 30.89
N GLU C 77 -7.86 32.28 30.21
CA GLU C 77 -6.97 33.26 30.80
C GLU C 77 -7.73 34.37 31.50
N GLN C 78 -8.79 34.84 30.84
CA GLN C 78 -9.63 35.89 31.36
C GLN C 78 -10.29 35.44 32.65
N LEU C 79 -10.97 34.28 32.59
CA LEU C 79 -11.62 33.72 33.76
C LEU C 79 -10.64 33.59 34.90
N GLN C 80 -9.54 32.87 34.66
CA GLN C 80 -8.51 32.72 35.69
C GLN C 80 -8.16 34.04 36.37
N ARG C 81 -7.92 35.09 35.59
CA ARG C 81 -7.58 36.41 36.15
C ARG C 81 -8.62 36.90 37.16
N GLU C 82 -9.90 36.58 36.93
CA GLU C 82 -10.95 37.10 37.80
C GLU C 82 -11.35 36.10 38.89
N PHE C 83 -10.85 34.88 38.78
CA PHE C 83 -11.06 33.89 39.82
C PHE C 83 -9.99 34.06 40.86
N ASN C 84 -8.80 34.48 40.43
CA ASN C 84 -7.69 34.71 41.35
C ASN C 84 -8.02 35.78 42.38
N LYS C 85 -9.01 36.62 42.03
CA LYS C 85 -9.60 37.58 42.98
C LYS C 85 -10.67 36.88 43.81
N LEU C 86 -11.43 37.67 44.56
CA LEU C 86 -12.45 37.12 45.45
C LEU C 86 -11.76 36.19 46.44
N LEU D 3 12.99 -12.84 -66.84
CA LEU D 3 11.69 -12.94 -67.47
C LEU D 3 10.87 -11.69 -67.25
N GLU D 4 10.81 -10.85 -68.26
CA GLU D 4 9.93 -9.69 -68.08
C GLU D 4 9.31 -9.64 -66.66
N ASP D 5 8.62 -10.72 -66.28
CA ASP D 5 7.83 -10.72 -65.04
C ASP D 5 8.67 -10.92 -63.79
N LEU D 6 9.77 -11.65 -63.92
CA LEU D 6 10.65 -11.91 -62.80
C LEU D 6 11.23 -10.61 -62.31
N ARG D 7 11.88 -9.90 -63.23
CA ARG D 7 12.44 -8.58 -62.94
C ARG D 7 11.38 -7.71 -62.29
N GLN D 8 10.16 -7.83 -62.80
CA GLN D 8 9.02 -7.07 -62.32
C GLN D 8 8.81 -7.35 -60.83
N GLN D 9 8.73 -8.63 -60.48
CA GLN D 9 8.47 -9.03 -59.10
C GLN D 9 9.58 -8.60 -58.16
N LEU D 10 10.83 -8.89 -58.53
CA LEU D 10 11.95 -8.49 -57.74
C LEU D 10 11.91 -7.01 -57.39
N GLN D 11 11.63 -6.14 -58.36
CA GLN D 11 11.58 -4.71 -58.03
C GLN D 11 10.28 -4.33 -57.34
N GLN D 12 9.21 -5.03 -57.68
CA GLN D 12 7.92 -4.83 -57.01
C GLN D 12 8.08 -5.16 -55.53
N ALA D 13 8.95 -6.12 -55.21
CA ALA D 13 9.23 -6.49 -53.82
C ALA D 13 10.19 -5.50 -53.19
N GLU D 14 11.30 -5.22 -53.90
CA GLU D 14 12.27 -4.20 -53.49
C GLU D 14 11.63 -2.90 -53.06
N GLU D 15 10.63 -2.46 -53.80
CA GLU D 15 9.93 -1.24 -53.48
C GLU D 15 9.07 -1.36 -52.22
N ALA D 16 8.26 -2.41 -52.16
CA ALA D 16 7.48 -2.73 -50.97
C ALA D 16 8.39 -2.87 -49.75
N LEU D 17 9.62 -3.32 -49.98
CA LEU D 17 10.62 -3.45 -48.93
C LEU D 17 11.05 -2.09 -48.41
N VAL D 18 11.34 -1.17 -49.31
CA VAL D 18 11.76 0.18 -48.89
C VAL D 18 10.65 0.84 -48.08
N ALA D 19 9.40 0.61 -48.47
CA ALA D 19 8.26 1.20 -47.80
C ALA D 19 8.27 0.81 -46.33
N LYS D 20 8.36 -0.49 -46.08
CA LYS D 20 8.40 -1.01 -44.72
C LYS D 20 9.52 -0.37 -43.91
N GLN D 21 10.70 -0.29 -44.51
CA GLN D 21 11.84 0.29 -43.83
C GLN D 21 11.59 1.75 -43.46
N GLU D 22 10.75 2.42 -44.22
CA GLU D 22 10.46 3.83 -43.93
C GLU D 22 9.46 3.91 -42.83
N LEU D 23 8.54 2.94 -42.82
CA LEU D 23 7.60 2.77 -41.72
C LEU D 23 8.31 2.56 -40.37
N ILE D 24 9.21 1.57 -40.30
CA ILE D 24 9.94 1.34 -39.09
C ILE D 24 10.71 2.61 -38.70
N ASP D 25 11.34 3.27 -39.67
CA ASP D 25 12.03 4.51 -39.31
C ASP D 25 11.10 5.53 -38.65
N LYS D 26 9.86 5.54 -39.10
CA LYS D 26 8.88 6.50 -38.63
C LYS D 26 8.48 6.12 -37.24
N LEU D 27 8.28 4.80 -37.07
CA LEU D 27 7.86 4.18 -35.82
C LEU D 27 8.95 4.37 -34.76
N LYS D 28 10.18 4.00 -35.10
CA LYS D 28 11.34 4.16 -34.24
C LYS D 28 11.48 5.62 -33.83
N GLU D 29 10.94 6.51 -34.62
CA GLU D 29 11.14 7.92 -34.35
C GLU D 29 10.08 8.37 -33.37
N GLU D 30 8.89 7.76 -33.45
CA GLU D 30 7.83 8.08 -32.50
C GLU D 30 8.10 7.38 -31.17
N ALA D 31 8.55 6.13 -31.23
CA ALA D 31 8.97 5.41 -30.03
C ALA D 31 9.95 6.25 -29.20
N GLU D 32 10.89 6.92 -29.84
CA GLU D 32 11.80 7.80 -29.14
C GLU D 32 11.06 8.92 -28.46
N GLN D 33 9.99 9.40 -29.08
CA GLN D 33 9.20 10.50 -28.53
C GLN D 33 8.34 9.92 -27.40
N HIS D 34 7.86 8.70 -27.62
CA HIS D 34 7.02 8.02 -26.65
C HIS D 34 7.78 7.75 -25.36
N LYS D 35 9.07 7.50 -25.48
CA LYS D 35 9.90 7.08 -24.36
C LYS D 35 10.25 8.18 -23.37
N ILE D 36 10.40 9.43 -23.83
CA ILE D 36 10.70 10.50 -22.89
C ILE D 36 9.40 10.95 -22.25
N VAL D 37 8.30 10.69 -22.95
CA VAL D 37 7.02 11.06 -22.40
C VAL D 37 6.60 10.07 -21.32
N MET D 38 6.71 8.77 -21.62
CA MET D 38 6.38 7.71 -20.66
C MET D 38 7.02 7.97 -19.30
N GLU D 39 8.21 8.58 -19.33
CA GLU D 39 8.98 8.88 -18.13
C GLU D 39 8.17 9.70 -17.13
N THR D 40 7.21 10.44 -17.66
CA THR D 40 6.38 11.32 -16.87
C THR D 40 5.29 10.57 -16.06
N VAL D 41 5.09 9.27 -16.29
CA VAL D 41 4.00 8.53 -15.63
C VAL D 41 4.35 8.15 -14.20
N PRO D 42 5.47 7.43 -13.99
CA PRO D 42 5.83 7.12 -12.62
C PRO D 42 5.89 8.35 -11.75
N VAL D 43 6.25 9.50 -12.31
CA VAL D 43 6.38 10.68 -11.47
C VAL D 43 5.02 11.37 -11.19
N LEU D 44 4.02 11.12 -12.04
CA LEU D 44 2.66 11.59 -11.75
C LEU D 44 1.95 10.74 -10.70
N LYS D 45 2.49 9.55 -10.48
CA LYS D 45 2.00 8.66 -9.45
C LYS D 45 2.73 8.99 -8.15
N ALA D 46 4.05 9.04 -8.19
CA ALA D 46 4.81 9.39 -7.02
C ALA D 46 4.31 10.74 -6.42
N GLN D 47 3.58 11.51 -7.25
CA GLN D 47 3.12 12.82 -6.82
C GLN D 47 1.73 12.69 -6.21
N ALA D 48 0.88 11.88 -6.85
CA ALA D 48 -0.43 11.60 -6.32
C ALA D 48 -0.29 11.07 -4.91
N ASP D 49 0.81 10.37 -4.66
CA ASP D 49 1.02 9.70 -3.39
C ASP D 49 1.40 10.63 -2.29
N ILE D 50 2.42 11.45 -2.53
CA ILE D 50 2.87 12.34 -1.48
C ILE D 50 1.81 13.44 -1.23
N TYR D 51 0.82 13.53 -2.12
CA TYR D 51 -0.26 14.49 -1.88
C TYR D 51 -1.24 13.88 -0.91
N LYS D 52 -1.45 12.56 -1.04
CA LYS D 52 -2.32 11.82 -0.13
C LYS D 52 -1.74 11.85 1.29
N ALA D 53 -0.44 11.58 1.41
CA ALA D 53 0.22 11.63 2.70
C ALA D 53 0.19 13.03 3.23
N ASP D 54 0.26 14.02 2.35
CA ASP D 54 0.20 15.39 2.82
C ASP D 54 -1.18 15.68 3.37
N PHE D 55 -2.18 15.03 2.77
CA PHE D 55 -3.55 15.21 3.19
C PHE D 55 -3.73 14.66 4.56
N GLN D 56 -3.24 13.43 4.75
CA GLN D 56 -3.39 12.71 6.02
C GLN D 56 -2.70 13.42 7.18
N ALA D 57 -1.47 13.84 6.96
CA ALA D 57 -0.72 14.57 7.96
C ALA D 57 -1.42 15.88 8.31
N GLU D 58 -2.19 16.40 7.34
CA GLU D 58 -3.12 17.54 7.57
C GLU D 58 -4.42 17.13 8.27
N ARG D 59 -5.05 16.03 7.85
CA ARG D 59 -6.19 15.55 8.60
C ARG D 59 -5.84 15.42 10.06
N HIS D 60 -4.74 14.75 10.34
CA HIS D 60 -4.27 14.58 11.70
C HIS D 60 -4.27 15.85 12.51
N ALA D 61 -3.42 16.78 12.12
CA ALA D 61 -3.29 18.01 12.86
C ALA D 61 -4.68 18.58 13.14
N ARG D 62 -5.61 18.39 12.20
CA ARG D 62 -6.95 18.86 12.42
C ARG D 62 -7.54 18.11 13.62
N GLU D 63 -7.51 16.78 13.57
CA GLU D 63 -7.92 15.95 14.69
C GLU D 63 -7.31 16.38 16.03
N LYS D 64 -5.96 16.37 16.13
CA LYS D 64 -5.28 16.94 17.33
C LYS D 64 -5.82 18.32 17.74
N LEU D 65 -6.30 19.08 16.76
CA LEU D 65 -6.86 20.40 17.03
C LEU D 65 -8.29 20.30 17.55
N VAL D 66 -8.97 19.22 17.18
CA VAL D 66 -10.35 19.04 17.56
C VAL D 66 -10.38 18.70 19.05
N GLU D 67 -9.44 17.86 19.48
CA GLU D 67 -9.30 17.48 20.88
C GLU D 67 -8.84 18.63 21.78
N LYS D 68 -7.86 19.41 21.32
CA LYS D 68 -7.34 20.45 22.18
C LYS D 68 -8.41 21.49 22.44
N LYS D 69 -9.37 21.64 21.53
CA LYS D 69 -10.48 22.59 21.75
C LYS D 69 -11.60 21.95 22.57
N GLU D 70 -11.72 20.64 22.53
CA GLU D 70 -12.69 19.92 23.32
C GLU D 70 -12.36 20.10 24.79
N TYR D 71 -11.10 19.87 25.13
CA TYR D 71 -10.62 19.96 26.50
C TYR D 71 -10.70 21.37 26.99
N LEU D 72 -10.29 22.31 26.16
CA LEU D 72 -10.38 23.71 26.54
C LEU D 72 -11.81 24.11 26.91
N GLN D 73 -12.77 23.64 26.12
CA GLN D 73 -14.19 23.91 26.35
C GLN D 73 -14.61 23.46 27.75
N GLU D 74 -14.20 22.25 28.13
CA GLU D 74 -14.48 21.69 29.47
C GLU D 74 -13.71 22.41 30.56
N GLN D 75 -12.42 22.59 30.31
CA GLN D 75 -11.57 23.29 31.25
C GLN D 75 -12.16 24.67 31.55
N LEU D 76 -12.78 25.28 30.53
CA LEU D 76 -13.43 26.58 30.69
C LEU D 76 -14.74 26.41 31.45
N GLU D 77 -15.56 25.45 31.03
CA GLU D 77 -16.81 25.20 31.75
C GLU D 77 -16.59 24.95 33.25
N GLN D 78 -15.54 24.19 33.58
CA GLN D 78 -15.15 23.90 34.97
C GLN D 78 -14.94 25.22 35.68
N LEU D 79 -13.78 25.86 35.43
CA LEU D 79 -13.46 27.16 36.00
C LEU D 79 -14.67 28.09 36.08
N GLN D 80 -15.69 27.86 35.25
CA GLN D 80 -16.92 28.65 35.38
C GLN D 80 -17.83 28.13 36.51
N ARG D 81 -18.02 26.82 36.63
CA ARG D 81 -18.79 26.29 37.76
C ARG D 81 -18.16 26.75 39.08
N GLU D 82 -16.82 26.65 39.15
CA GLU D 82 -16.03 27.00 40.34
C GLU D 82 -16.07 28.48 40.65
N PHE D 83 -16.31 29.31 39.64
CA PHE D 83 -16.40 30.75 39.87
C PHE D 83 -17.79 31.12 40.37
N ASN D 84 -18.80 30.42 39.87
CA ASN D 84 -20.16 30.71 40.25
C ASN D 84 -20.42 30.28 41.68
N LYS D 85 -19.75 29.23 42.15
CA LYS D 85 -19.93 28.77 43.54
C LYS D 85 -19.10 29.60 44.51
N LEU D 86 -18.17 30.37 43.95
CA LEU D 86 -17.41 31.37 44.70
C LEU D 86 -18.29 32.61 44.95
N LYS D 87 -17.69 33.67 45.49
CA LYS D 87 -18.46 34.92 45.69
C LYS D 87 -18.69 35.67 44.36
N SER E 2 29.19 -2.33 26.84
CA SER E 2 28.48 -3.46 27.53
C SER E 2 26.94 -3.22 27.58
N MET E 3 26.19 -3.94 26.74
CA MET E 3 24.71 -3.90 26.75
C MET E 3 24.12 -5.22 26.26
N GLN E 4 22.84 -5.45 26.63
CA GLN E 4 22.18 -6.71 26.30
C GLN E 4 20.70 -6.57 25.98
N ILE E 5 20.29 -7.15 24.84
CA ILE E 5 18.91 -7.07 24.35
C ILE E 5 18.39 -8.46 23.96
N PHE E 6 17.06 -8.60 23.97
CA PHE E 6 16.38 -9.85 23.65
C PHE E 6 15.81 -9.94 22.22
N VAL E 7 15.90 -11.14 21.64
CA VAL E 7 15.37 -11.42 20.31
C VAL E 7 14.38 -12.57 20.41
N LYS E 8 13.13 -12.31 20.07
CA LYS E 8 12.06 -13.28 20.28
C LYS E 8 11.34 -13.58 18.96
N THR E 9 11.22 -14.87 18.63
CA THR E 9 10.46 -15.27 17.43
C THR E 9 8.96 -15.23 17.74
N LEU E 10 8.15 -15.79 16.86
CA LEU E 10 6.71 -15.87 17.08
C LEU E 10 6.33 -17.25 17.63
N THR E 11 7.34 -18.01 18.09
CA THR E 11 7.10 -19.27 18.76
C THR E 11 7.13 -19.01 20.27
N GLY E 12 7.93 -18.01 20.64
CA GLY E 12 8.15 -17.63 22.03
C GLY E 12 9.63 -17.76 22.34
N LYS E 13 10.31 -18.61 21.55
CA LYS E 13 11.71 -18.94 21.73
C LYS E 13 12.54 -17.67 21.80
N THR E 14 13.38 -17.58 22.82
CA THR E 14 14.08 -16.33 23.14
C THR E 14 15.59 -16.50 23.02
N ILE E 15 16.31 -15.38 22.88
CA ILE E 15 17.79 -15.32 22.96
C ILE E 15 18.25 -13.93 23.41
N THR E 16 19.50 -13.83 23.86
CA THR E 16 20.08 -12.52 24.20
C THR E 16 21.40 -12.23 23.48
N LEU E 17 21.43 -11.11 22.77
CA LEU E 17 22.59 -10.69 22.00
C LEU E 17 23.30 -9.54 22.69
N GLU E 18 24.64 -9.61 22.70
CA GLU E 18 25.48 -8.55 23.27
C GLU E 18 25.85 -7.53 22.21
N VAL E 19 25.38 -6.29 22.37
CA VAL E 19 25.51 -5.27 21.34
C VAL E 19 25.83 -3.89 21.91
N GLU E 20 26.53 -3.09 21.11
CA GLU E 20 26.81 -1.70 21.42
C GLU E 20 25.58 -0.82 21.21
N PRO E 21 25.22 -0.01 22.24
CA PRO E 21 24.11 0.96 22.24
C PRO E 21 23.97 1.91 21.02
N SER E 22 24.74 1.69 19.96
CA SER E 22 24.63 2.52 18.76
C SER E 22 25.13 1.82 17.50
N ASP E 23 24.58 0.62 17.25
CA ASP E 23 24.88 -0.13 16.05
C ASP E 23 23.71 -0.06 15.10
N THR E 24 23.97 0.13 13.81
CA THR E 24 22.92 0.16 12.79
C THR E 24 22.13 -1.14 12.85
N ILE E 25 20.89 -1.11 12.34
CA ILE E 25 19.98 -2.28 12.42
C ILE E 25 20.61 -3.54 11.81
N GLU E 26 21.27 -3.38 10.65
CA GLU E 26 22.02 -4.47 10.01
C GLU E 26 23.23 -4.93 10.83
N ASN E 27 23.78 -4.04 11.65
CA ASN E 27 24.90 -4.40 12.53
C ASN E 27 24.46 -5.34 13.65
N VAL E 28 23.12 -5.63 13.59
CA VAL E 28 22.49 -6.51 14.57
C VAL E 28 22.13 -7.83 13.92
N LYS E 29 21.39 -7.76 12.81
CA LYS E 29 21.01 -8.95 12.05
C LYS E 29 22.22 -9.85 11.91
N ALA E 30 23.33 -9.22 11.54
CA ALA E 30 24.62 -9.88 11.49
C ALA E 30 24.79 -10.68 12.78
N LYS E 31 24.62 -10.01 13.92
CA LYS E 31 24.81 -10.62 15.24
C LYS E 31 23.94 -11.86 15.49
N ILE E 32 22.71 -11.85 14.96
CA ILE E 32 21.79 -12.98 15.09
C ILE E 32 22.32 -14.20 14.35
N GLN E 33 22.80 -13.97 13.13
CA GLN E 33 23.36 -15.04 12.34
C GLN E 33 24.55 -15.64 13.08
N ASP E 34 25.28 -14.76 13.76
CA ASP E 34 26.43 -15.17 14.54
C ASP E 34 26.04 -16.22 15.55
N LYS E 35 25.12 -15.84 16.44
CA LYS E 35 24.62 -16.75 17.47
C LYS E 35 23.78 -17.86 16.85
N GLU E 36 22.82 -17.46 16.01
CA GLU E 36 21.83 -18.40 15.54
C GLU E 36 22.27 -19.21 14.33
N GLY E 37 22.71 -18.45 13.27
CA GLY E 37 23.09 -19.12 12.03
C GLY E 37 21.93 -19.09 11.03
N ILE E 38 21.32 -17.89 10.95
CA ILE E 38 20.28 -17.69 9.95
C ILE E 38 20.59 -16.45 9.13
N PRO E 39 20.69 -16.62 7.80
CA PRO E 39 21.06 -15.57 6.89
C PRO E 39 20.32 -14.26 7.14
N PRO E 40 21.09 -13.15 7.24
CA PRO E 40 20.70 -11.74 7.39
C PRO E 40 19.62 -11.27 6.40
N ASP E 41 19.72 -11.69 5.15
CA ASP E 41 18.72 -11.37 4.13
C ASP E 41 17.34 -11.85 4.58
N GLN E 42 17.30 -13.02 5.20
CA GLN E 42 16.06 -13.66 5.62
C GLN E 42 15.41 -13.04 6.87
N GLN E 43 16.07 -12.04 7.44
CA GLN E 43 15.65 -11.47 8.71
C GLN E 43 14.93 -10.15 8.53
N ARG E 44 14.08 -9.82 9.51
CA ARG E 44 13.44 -8.51 9.56
C ARG E 44 13.10 -8.25 11.00
N LEU E 45 13.76 -7.24 11.57
CA LEU E 45 13.54 -6.93 12.96
C LEU E 45 12.52 -5.82 13.15
N ILE E 46 11.67 -6.00 14.16
CA ILE E 46 10.66 -5.00 14.50
C ILE E 46 10.91 -4.45 15.89
N PHE E 47 10.32 -3.29 16.14
CA PHE E 47 10.41 -2.63 17.42
C PHE E 47 9.41 -1.49 17.43
N ALA E 48 8.81 -1.25 18.59
CA ALA E 48 7.83 -0.19 18.76
C ALA E 48 6.77 -0.24 17.67
N GLY E 49 6.60 -1.43 17.09
CA GLY E 49 5.56 -1.69 16.09
C GLY E 49 5.91 -1.36 14.65
N LYS E 50 7.17 -1.01 14.40
CA LYS E 50 7.62 -0.63 13.05
C LYS E 50 8.88 -1.39 12.59
N GLN E 51 8.98 -1.58 11.27
CA GLN E 51 10.01 -2.43 10.65
C GLN E 51 11.35 -1.74 10.51
N LEU E 52 12.29 -2.09 11.37
CA LEU E 52 13.58 -1.41 11.43
C LEU E 52 14.41 -1.48 10.14
N GLU E 53 14.87 -0.33 9.67
CA GLU E 53 15.67 -0.21 8.46
C GLU E 53 17.16 -0.32 8.75
N ASP E 54 17.87 -1.14 7.98
CA ASP E 54 19.30 -1.38 8.17
C ASP E 54 20.12 -0.10 8.34
N GLY E 55 19.58 1.02 7.85
CA GLY E 55 20.24 2.34 7.85
C GLY E 55 20.48 2.96 9.22
N ARG E 56 19.39 3.35 9.87
CA ARG E 56 19.45 3.93 11.23
C ARG E 56 20.08 2.97 12.24
N THR E 57 20.52 3.52 13.39
CA THR E 57 21.17 2.73 14.45
C THR E 57 20.24 2.43 15.62
N LEU E 58 20.77 1.73 16.62
CA LEU E 58 19.96 1.34 17.77
C LEU E 58 19.47 2.55 18.55
N SER E 59 20.37 3.52 18.77
CA SER E 59 20.05 4.68 19.59
C SER E 59 18.94 5.52 18.96
N ASP E 60 18.78 5.41 17.65
CA ASP E 60 17.77 6.18 16.92
C ASP E 60 16.33 5.74 17.25
N TYR E 61 16.11 4.41 17.23
CA TYR E 61 14.79 3.85 17.52
C TYR E 61 14.62 3.61 19.03
N ASN E 62 15.51 4.21 19.82
CA ASN E 62 15.42 4.25 21.27
C ASN E 62 15.62 2.90 21.98
N ILE E 63 16.38 2.00 21.37
CA ILE E 63 16.62 0.71 22.01
C ILE E 63 17.45 0.91 23.27
N GLN E 64 17.02 0.23 24.33
CA GLN E 64 17.65 0.37 25.63
C GLN E 64 18.17 -0.97 26.14
N LYS E 65 18.71 -0.92 27.39
CA LYS E 65 19.18 -2.12 28.09
C LYS E 65 18.01 -3.10 28.31
N GLU E 66 18.31 -4.40 28.30
CA GLU E 66 17.31 -5.47 28.51
C GLU E 66 16.08 -5.36 27.61
N SER E 67 16.12 -4.46 26.62
CA SER E 67 14.97 -4.22 25.75
C SER E 67 14.54 -5.46 24.98
N THR E 68 13.34 -5.39 24.42
CA THR E 68 12.73 -6.54 23.78
C THR E 68 12.44 -6.29 22.30
N LEU E 69 13.28 -6.90 21.45
CA LEU E 69 13.19 -6.76 19.99
C LEU E 69 12.61 -7.98 19.32
N HIS E 70 11.68 -7.75 18.40
CA HIS E 70 11.03 -8.85 17.71
C HIS E 70 11.75 -9.28 16.44
N LEU E 71 11.55 -10.53 16.03
CA LEU E 71 12.24 -11.13 14.88
C LEU E 71 11.35 -11.98 13.96
N VAL E 72 11.33 -11.63 12.68
CA VAL E 72 10.52 -12.36 11.71
C VAL E 72 11.40 -13.01 10.66
N LEU E 73 11.18 -14.31 10.41
CA LEU E 73 11.90 -15.02 9.35
C LEU E 73 11.14 -15.02 8.03
N ARG E 74 11.87 -14.80 6.94
CA ARG E 74 11.25 -14.80 5.62
C ARG E 74 11.24 -16.22 5.08
N LEU E 75 10.47 -16.44 4.03
CA LEU E 75 10.45 -17.75 3.39
C LEU E 75 11.52 -17.81 2.33
N ARG E 76 11.74 -16.65 1.70
CA ARG E 76 12.76 -16.49 0.70
C ARG E 76 14.03 -15.90 1.28
N GLY E 77 15.14 -16.06 0.56
CA GLY E 77 16.39 -15.45 0.96
C GLY E 77 17.27 -15.11 -0.21
N GLY E 78 16.90 -14.06 -0.96
CA GLY E 78 17.79 -13.46 -1.96
C GLY E 78 18.37 -14.35 -3.05
N MET E 79 19.32 -15.24 -2.68
CA MET E 79 19.95 -16.14 -3.63
C MET E 79 19.50 -17.59 -3.44
N GLN E 80 19.01 -18.23 -4.51
CA GLN E 80 18.69 -19.65 -4.46
C GLN E 80 19.42 -20.44 -5.52
N ILE E 81 19.80 -21.69 -5.21
CA ILE E 81 20.35 -22.57 -6.25
C ILE E 81 19.51 -23.83 -6.26
N PHE E 82 19.76 -24.72 -7.23
CA PHE E 82 18.96 -25.94 -7.45
C PHE E 82 19.77 -27.22 -7.46
N VAL E 83 19.13 -28.33 -7.09
CA VAL E 83 19.80 -29.59 -7.11
C VAL E 83 18.89 -30.61 -7.72
N LYS E 84 19.51 -31.47 -8.53
CA LYS E 84 18.84 -32.56 -9.19
C LYS E 84 19.31 -33.86 -8.50
N THR E 85 18.38 -34.54 -7.83
CA THR E 85 18.73 -35.76 -7.10
C THR E 85 18.86 -36.89 -8.07
N LEU E 86 19.37 -38.02 -7.59
CA LEU E 86 19.59 -39.14 -8.48
C LEU E 86 18.31 -39.65 -9.11
N THR E 87 17.16 -39.14 -8.66
CA THR E 87 15.87 -39.59 -9.19
C THR E 87 15.29 -38.67 -10.26
N GLY E 88 15.87 -37.48 -10.38
CA GLY E 88 15.34 -36.46 -11.29
C GLY E 88 14.64 -35.33 -10.54
N LYS E 89 14.42 -35.54 -9.24
CA LYS E 89 13.80 -34.53 -8.38
C LYS E 89 14.64 -33.27 -8.33
N THR E 90 13.96 -32.14 -8.34
CA THR E 90 14.61 -30.84 -8.31
C THR E 90 14.21 -30.14 -7.01
N ILE E 91 15.20 -29.56 -6.34
CA ILE E 91 14.93 -28.92 -5.06
C ILE E 91 15.66 -27.59 -4.99
N THR E 92 15.11 -26.64 -4.24
CA THR E 92 15.73 -25.32 -4.11
C THR E 92 16.36 -25.18 -2.74
N LEU E 93 17.55 -24.59 -2.71
CA LEU E 93 18.20 -24.28 -1.44
C LEU E 93 18.37 -22.77 -1.31
N GLU E 94 18.12 -22.25 -0.12
CA GLU E 94 18.37 -20.86 0.14
C GLU E 94 19.82 -20.74 0.60
N VAL E 95 20.65 -20.09 -0.22
CA VAL E 95 22.08 -20.07 0.06
C VAL E 95 22.64 -18.64 -0.05
N GLU E 96 23.97 -18.53 -0.05
CA GLU E 96 24.71 -17.26 -0.19
C GLU E 96 26.02 -17.58 -0.91
N PRO E 97 26.69 -16.56 -1.51
CA PRO E 97 27.98 -16.81 -2.15
C PRO E 97 29.06 -17.28 -1.19
N SER E 98 29.05 -16.74 0.04
CA SER E 98 30.01 -17.11 1.09
C SER E 98 29.93 -18.57 1.52
N ASP E 99 28.70 -19.09 1.57
CA ASP E 99 28.40 -20.49 1.88
C ASP E 99 29.39 -21.43 1.21
N THR E 100 30.19 -22.10 2.03
CA THR E 100 31.07 -23.16 1.54
C THR E 100 30.27 -24.41 1.13
N ILE E 101 30.91 -25.35 0.44
CA ILE E 101 30.25 -26.60 0.00
C ILE E 101 29.85 -27.44 1.21
N GLU E 102 30.39 -27.08 2.37
CA GLU E 102 29.95 -27.58 3.66
C GLU E 102 28.45 -27.37 3.80
N ASN E 103 28.06 -26.08 3.85
CA ASN E 103 26.67 -25.66 3.95
C ASN E 103 25.80 -26.38 2.93
N VAL E 104 26.26 -26.39 1.66
CA VAL E 104 25.50 -26.94 0.53
C VAL E 104 25.12 -28.40 0.76
N LYS E 105 26.12 -29.29 0.72
CA LYS E 105 25.88 -30.71 0.90
C LYS E 105 25.02 -30.94 2.14
N ALA E 106 25.15 -30.03 3.12
CA ALA E 106 24.41 -30.10 4.38
C ALA E 106 22.92 -29.76 4.21
N LYS E 107 22.64 -28.60 3.62
CA LYS E 107 21.27 -28.12 3.38
C LYS E 107 20.48 -29.14 2.56
N ILE E 108 21.23 -29.95 1.80
CA ILE E 108 20.69 -31.06 1.02
C ILE E 108 20.12 -32.20 1.90
N GLN E 109 20.73 -32.45 3.06
CA GLN E 109 20.25 -33.50 3.97
C GLN E 109 18.99 -33.06 4.69
N ASP E 110 18.91 -31.77 4.98
CA ASP E 110 17.78 -31.16 5.66
C ASP E 110 16.45 -31.39 4.92
N LYS E 111 16.53 -31.70 3.63
CA LYS E 111 15.36 -31.97 2.80
C LYS E 111 15.33 -33.45 2.40
N GLU E 112 16.38 -33.89 1.74
CA GLU E 112 16.41 -35.21 1.15
C GLU E 112 16.84 -36.26 2.16
N GLY E 113 17.54 -35.81 3.20
CA GLY E 113 18.12 -36.74 4.18
C GLY E 113 19.43 -37.38 3.76
N ILE E 114 19.62 -37.55 2.44
CA ILE E 114 20.86 -38.07 1.90
C ILE E 114 22.03 -37.49 2.71
N PRO E 115 22.76 -38.37 3.42
CA PRO E 115 23.89 -37.94 4.26
C PRO E 115 25.09 -37.53 3.42
N PRO E 116 25.74 -36.40 3.79
CA PRO E 116 26.89 -35.82 3.09
C PRO E 116 27.96 -36.84 2.66
N ASP E 117 27.85 -38.07 3.15
CA ASP E 117 28.75 -39.17 2.83
C ASP E 117 28.71 -39.51 1.34
N GLN E 118 27.60 -40.06 0.86
CA GLN E 118 27.51 -40.53 -0.52
C GLN E 118 26.95 -39.45 -1.46
N GLN E 119 27.23 -38.19 -1.11
CA GLN E 119 26.90 -37.05 -1.97
C GLN E 119 28.05 -36.73 -2.93
N ARG E 120 27.69 -36.27 -4.13
CA ARG E 120 28.65 -35.96 -5.20
C ARG E 120 28.06 -34.86 -6.09
N LEU E 121 28.69 -33.67 -6.04
CA LEU E 121 28.17 -32.50 -6.76
C LEU E 121 28.96 -32.11 -8.01
N ILE E 122 28.26 -32.13 -9.14
CA ILE E 122 28.79 -31.79 -10.45
C ILE E 122 28.18 -30.47 -10.92
N PHE E 123 28.99 -29.43 -11.01
CA PHE E 123 28.54 -28.12 -11.52
C PHE E 123 29.16 -27.79 -12.88
N ALA E 124 28.31 -27.83 -13.91
CA ALA E 124 28.73 -27.66 -15.30
C ALA E 124 29.98 -28.52 -15.53
N GLY E 125 29.81 -29.85 -15.32
CA GLY E 125 30.90 -30.81 -15.52
C GLY E 125 31.92 -30.94 -14.38
N LYS E 126 32.23 -29.84 -13.72
CA LYS E 126 33.24 -29.84 -12.66
C LYS E 126 32.73 -30.58 -11.44
N GLN E 127 33.62 -31.29 -10.77
CA GLN E 127 33.28 -31.94 -9.52
C GLN E 127 33.65 -31.05 -8.33
N LEU E 128 32.63 -30.43 -7.72
CA LEU E 128 32.85 -29.51 -6.62
C LEU E 128 33.49 -30.24 -5.46
N GLU E 129 34.15 -29.49 -4.58
CA GLU E 129 34.84 -30.10 -3.45
C GLU E 129 34.54 -29.40 -2.11
N ASP E 130 34.29 -30.19 -1.07
CA ASP E 130 33.81 -29.70 0.23
C ASP E 130 34.61 -28.56 0.85
N GLY E 131 35.83 -28.35 0.35
CA GLY E 131 36.66 -27.22 0.76
C GLY E 131 36.20 -25.84 0.28
N ARG E 132 36.20 -25.63 -1.05
CA ARG E 132 35.94 -24.28 -1.61
C ARG E 132 34.50 -23.84 -1.37
N THR E 133 34.24 -22.56 -1.60
CA THR E 133 32.92 -22.00 -1.40
C THR E 133 32.18 -21.96 -2.71
N LEU E 134 30.96 -21.42 -2.68
CA LEU E 134 30.17 -21.22 -3.88
C LEU E 134 30.84 -20.22 -4.80
N SER E 135 31.23 -19.08 -4.23
CA SER E 135 31.93 -18.03 -4.97
C SER E 135 33.12 -18.58 -5.77
N ASP E 136 33.84 -19.53 -5.17
CA ASP E 136 35.04 -20.14 -5.75
C ASP E 136 34.78 -20.92 -7.04
N TYR E 137 33.57 -21.45 -7.18
CA TYR E 137 33.20 -22.18 -8.39
C TYR E 137 32.38 -21.31 -9.31
N ASN E 138 32.23 -20.06 -8.89
CA ASN E 138 31.49 -19.06 -9.64
C ASN E 138 30.06 -19.50 -9.89
N ILE E 139 29.40 -19.91 -8.81
CA ILE E 139 27.98 -20.29 -8.86
C ILE E 139 27.11 -19.07 -8.57
N GLN E 140 26.24 -18.78 -9.55
CA GLN E 140 25.35 -17.62 -9.50
C GLN E 140 23.99 -18.03 -8.96
N LYS E 141 23.18 -17.03 -8.58
CA LYS E 141 21.78 -17.27 -8.26
C LYS E 141 21.15 -18.12 -9.36
N GLU E 142 20.01 -18.74 -9.06
CA GLU E 142 19.26 -19.54 -10.02
C GLU E 142 19.99 -20.75 -10.61
N SER E 143 21.21 -21.04 -10.17
CA SER E 143 22.02 -22.13 -10.77
C SER E 143 21.42 -23.53 -10.55
N THR E 144 22.05 -24.55 -11.14
CA THR E 144 21.58 -25.91 -10.90
C THR E 144 22.68 -26.94 -10.71
N LEU E 145 22.93 -27.31 -9.46
CA LEU E 145 23.86 -28.38 -9.16
C LEU E 145 23.27 -29.73 -9.56
N HIS E 146 24.15 -30.73 -9.71
CA HIS E 146 23.76 -32.11 -10.02
C HIS E 146 24.30 -33.06 -8.96
N LEU E 147 23.75 -34.26 -8.90
CA LEU E 147 24.18 -35.22 -7.89
C LEU E 147 24.42 -36.56 -8.54
N VAL E 148 25.56 -37.19 -8.25
CA VAL E 148 25.86 -38.51 -8.82
C VAL E 148 26.35 -39.50 -7.75
N LEU E 149 26.60 -40.75 -8.18
CA LEU E 149 26.85 -41.87 -7.26
C LEU E 149 28.30 -42.35 -7.17
N ARG E 150 29.14 -41.52 -6.50
CA ARG E 150 30.52 -41.88 -6.24
C ARG E 150 30.74 -41.89 -4.72
N MET F 3 -32.04 -17.70 8.44
CA MET F 3 -30.82 -17.37 9.25
C MET F 3 -29.91 -16.36 8.55
N GLN F 4 -29.18 -15.55 9.34
CA GLN F 4 -28.28 -14.53 8.79
C GLN F 4 -26.89 -14.55 9.45
N ILE F 5 -25.82 -14.51 8.63
CA ILE F 5 -24.43 -14.42 9.14
C ILE F 5 -23.63 -13.34 8.39
N PHE F 6 -22.66 -12.73 9.07
CA PHE F 6 -21.79 -11.74 8.41
C PHE F 6 -20.41 -12.33 8.13
N VAL F 7 -19.74 -11.77 7.11
CA VAL F 7 -18.39 -12.15 6.70
C VAL F 7 -17.65 -10.85 6.47
N LYS F 8 -16.43 -10.75 7.00
CA LYS F 8 -15.66 -9.54 6.82
C LYS F 8 -14.22 -9.92 6.56
N THR F 9 -13.67 -9.42 5.46
CA THR F 9 -12.27 -9.64 5.17
C THR F 9 -11.52 -8.84 6.20
N LEU F 10 -10.21 -9.04 6.28
CA LEU F 10 -9.42 -8.37 7.29
C LEU F 10 -9.48 -6.83 7.20
N THR F 11 -9.58 -6.27 5.99
CA THR F 11 -9.74 -4.81 5.87
C THR F 11 -11.09 -4.34 5.33
N GLY F 12 -11.98 -3.93 6.22
CA GLY F 12 -13.30 -3.40 5.85
C GLY F 12 -14.14 -4.31 4.96
N LYS F 13 -15.31 -3.81 4.56
CA LYS F 13 -16.21 -4.51 3.62
C LYS F 13 -16.85 -5.77 4.27
N THR F 14 -18.02 -5.55 4.91
CA THR F 14 -18.78 -6.63 5.54
C THR F 14 -19.94 -7.10 4.67
N ILE F 15 -19.68 -8.12 3.85
CA ILE F 15 -20.72 -8.74 3.02
C ILE F 15 -21.55 -9.68 3.87
N THR F 16 -22.88 -9.43 3.87
CA THR F 16 -23.79 -10.21 4.74
C THR F 16 -24.67 -11.19 3.91
N LEU F 17 -24.48 -12.49 4.14
CA LEU F 17 -25.15 -13.55 3.36
C LEU F 17 -26.43 -14.05 4.03
N GLU F 18 -27.20 -14.87 3.32
CA GLU F 18 -28.44 -15.43 3.84
C GLU F 18 -28.40 -16.94 3.64
N VAL F 19 -28.08 -17.66 4.70
CA VAL F 19 -27.87 -19.10 4.59
C VAL F 19 -28.73 -19.86 5.60
N GLU F 20 -28.58 -21.18 5.60
CA GLU F 20 -29.25 -22.04 6.57
C GLU F 20 -28.21 -22.88 7.35
N PRO F 21 -28.56 -23.40 8.55
CA PRO F 21 -27.57 -24.11 9.39
C PRO F 21 -27.01 -25.39 8.77
N SER F 22 -27.80 -26.04 7.90
CA SER F 22 -27.37 -27.29 7.23
C SER F 22 -26.42 -27.06 6.05
N ASP F 23 -26.33 -25.82 5.58
CA ASP F 23 -25.48 -25.42 4.46
C ASP F 23 -24.02 -25.64 4.79
N THR F 24 -23.33 -26.29 3.86
CA THR F 24 -21.92 -26.62 4.04
C THR F 24 -21.04 -25.38 3.86
N ILE F 25 -19.81 -25.43 4.36
CA ILE F 25 -18.84 -24.35 4.15
C ILE F 25 -18.63 -24.12 2.65
N GLU F 26 -18.35 -25.19 1.91
CA GLU F 26 -18.23 -25.11 0.46
C GLU F 26 -19.45 -24.41 -0.12
N ASN F 27 -20.57 -24.59 0.56
CA ASN F 27 -21.82 -23.99 0.13
C ASN F 27 -21.84 -22.49 0.43
N VAL F 28 -21.27 -22.10 1.57
CA VAL F 28 -21.20 -20.70 1.96
C VAL F 28 -20.23 -19.93 1.04
N LYS F 29 -19.15 -20.61 0.64
CA LYS F 29 -18.18 -20.05 -0.28
C LYS F 29 -18.79 -19.90 -1.66
N ALA F 30 -19.68 -20.84 -2.01
CA ALA F 30 -20.50 -20.68 -3.21
C ALA F 30 -21.15 -19.29 -3.21
N LYS F 31 -21.99 -19.02 -2.20
CA LYS F 31 -22.76 -17.76 -2.12
C LYS F 31 -21.87 -16.53 -1.96
N ILE F 32 -20.64 -16.76 -1.54
CA ILE F 32 -19.69 -15.67 -1.42
C ILE F 32 -19.18 -15.28 -2.81
N GLN F 33 -19.10 -16.26 -3.71
CA GLN F 33 -18.66 -16.05 -5.10
C GLN F 33 -19.79 -15.42 -5.88
N ASP F 34 -20.99 -15.90 -5.62
CA ASP F 34 -22.17 -15.43 -6.30
C ASP F 34 -22.39 -13.94 -6.05
N LYS F 35 -21.84 -13.41 -4.96
CA LYS F 35 -22.16 -12.03 -4.58
C LYS F 35 -20.95 -11.13 -4.44
N GLU F 36 -19.79 -11.65 -4.79
CA GLU F 36 -18.56 -10.89 -4.72
C GLU F 36 -17.54 -11.38 -5.75
N GLY F 37 -17.90 -12.45 -6.46
CA GLY F 37 -17.08 -12.98 -7.55
C GLY F 37 -15.70 -13.45 -7.18
N ILE F 38 -15.48 -13.78 -5.90
CA ILE F 38 -14.20 -14.32 -5.42
C ILE F 38 -14.23 -15.83 -5.51
N PRO F 39 -13.37 -16.42 -6.34
CA PRO F 39 -13.50 -17.85 -6.55
C PRO F 39 -13.29 -18.59 -5.24
N PRO F 40 -14.13 -19.63 -4.99
CA PRO F 40 -14.08 -20.49 -3.82
C PRO F 40 -12.66 -20.94 -3.41
N ASP F 41 -11.81 -21.24 -4.40
CA ASP F 41 -10.49 -21.74 -4.09
C ASP F 41 -9.54 -20.65 -3.63
N GLN F 42 -10.05 -19.44 -3.55
CA GLN F 42 -9.24 -18.35 -3.06
C GLN F 42 -9.67 -17.83 -1.67
N GLN F 43 -10.83 -18.30 -1.20
CA GLN F 43 -11.33 -17.94 0.13
C GLN F 43 -10.97 -18.97 1.21
N ARG F 44 -10.67 -18.48 2.41
CA ARG F 44 -10.54 -19.34 3.58
C ARG F 44 -11.34 -18.83 4.77
N LEU F 45 -12.43 -19.53 5.10
CA LEU F 45 -13.31 -19.11 6.19
C LEU F 45 -12.75 -19.50 7.57
N ILE F 46 -13.10 -18.74 8.60
CA ILE F 46 -12.52 -18.89 9.93
C ILE F 46 -13.51 -18.56 11.01
N PHE F 47 -13.77 -19.53 11.86
CA PHE F 47 -14.57 -19.31 13.06
C PHE F 47 -13.95 -19.95 14.29
N ALA F 48 -13.95 -19.20 15.38
CA ALA F 48 -13.30 -19.64 16.62
C ALA F 48 -11.80 -19.84 16.38
N GLY F 49 -11.23 -18.95 15.57
CA GLY F 49 -9.80 -19.00 15.21
C GLY F 49 -9.44 -20.34 14.61
N LYS F 50 -10.31 -20.84 13.74
CA LYS F 50 -10.11 -22.14 13.13
C LYS F 50 -10.50 -22.11 11.67
N GLN F 51 -9.60 -22.62 10.84
CA GLN F 51 -9.82 -22.66 9.42
C GLN F 51 -10.90 -23.69 9.10
N LEU F 52 -12.15 -23.25 9.01
CA LEU F 52 -13.23 -24.15 8.63
C LEU F 52 -12.99 -24.97 7.35
N GLU F 53 -13.82 -25.99 7.12
CA GLU F 53 -13.59 -26.84 5.97
C GLU F 53 -14.87 -27.20 5.25
N ASP F 54 -14.72 -27.40 3.94
CA ASP F 54 -15.80 -27.49 2.97
C ASP F 54 -16.85 -28.56 3.27
N GLY F 55 -16.43 -29.70 3.79
CA GLY F 55 -17.36 -30.80 4.07
C GLY F 55 -18.38 -30.44 5.13
N ARG F 56 -17.88 -30.00 6.29
CA ARG F 56 -18.70 -29.71 7.48
C ARG F 56 -19.67 -28.55 7.31
N THR F 57 -20.73 -28.55 8.14
CA THR F 57 -21.81 -27.55 8.07
C THR F 57 -21.63 -26.45 9.11
N LEU F 58 -22.43 -25.39 8.97
CA LEU F 58 -22.45 -24.33 9.94
C LEU F 58 -22.80 -24.86 11.33
N SER F 59 -23.84 -25.69 11.40
CA SER F 59 -24.19 -26.29 12.68
C SER F 59 -22.98 -27.05 13.20
N ASP F 60 -22.27 -27.76 12.32
CA ASP F 60 -21.07 -28.50 12.74
C ASP F 60 -19.98 -27.60 13.32
N TYR F 61 -20.28 -26.31 13.45
CA TYR F 61 -19.28 -25.36 13.91
C TYR F 61 -19.89 -24.35 14.87
N ASN F 62 -21.17 -24.55 15.14
CA ASN F 62 -21.98 -23.67 16.01
C ASN F 62 -22.15 -22.26 15.45
N ILE F 63 -22.44 -22.16 14.16
CA ILE F 63 -22.61 -20.87 13.50
C ILE F 63 -24.06 -20.47 13.57
N GLN F 64 -24.33 -19.33 14.18
CA GLN F 64 -25.74 -18.97 14.40
C GLN F 64 -26.02 -17.58 13.86
N LYS F 65 -27.27 -17.13 14.00
CA LYS F 65 -27.67 -15.82 13.49
C LYS F 65 -26.73 -14.72 13.97
N GLU F 66 -26.69 -13.59 13.24
CA GLU F 66 -25.81 -12.47 13.53
C GLU F 66 -24.38 -12.86 13.91
N SER F 67 -24.04 -14.14 13.71
CA SER F 67 -22.69 -14.63 13.96
C SER F 67 -21.75 -14.20 12.79
N THR F 68 -20.76 -13.36 13.09
CA THR F 68 -19.77 -12.97 12.08
C THR F 68 -18.87 -14.16 11.70
N LEU F 69 -18.09 -14.03 10.64
CA LEU F 69 -17.33 -15.15 10.10
C LEU F 69 -16.17 -14.68 9.21
N HIS F 70 -14.94 -14.73 9.73
CA HIS F 70 -13.76 -14.16 9.04
C HIS F 70 -13.43 -14.74 7.65
N LEU F 71 -12.87 -13.90 6.79
CA LEU F 71 -12.44 -14.33 5.46
C LEU F 71 -11.02 -13.87 5.23
N VAL F 72 -10.23 -14.75 4.67
CA VAL F 72 -8.83 -14.50 4.37
C VAL F 72 -8.68 -14.95 2.94
N LEU F 73 -8.16 -14.06 2.10
CA LEU F 73 -8.03 -14.34 0.71
C LEU F 73 -6.66 -14.87 0.45
N ARG F 74 -6.59 -15.86 -0.44
CA ARG F 74 -5.33 -16.50 -0.78
C ARG F 74 -4.58 -15.58 -1.73
N LEU F 75 -3.27 -15.80 -1.82
CA LEU F 75 -2.39 -15.06 -2.68
C LEU F 75 -2.44 -15.60 -4.10
N ARG F 76 -3.19 -16.70 -4.31
CA ARG F 76 -3.26 -17.37 -5.62
C ARG F 76 -4.41 -18.33 -5.53
N GLY F 77 -4.81 -18.96 -6.63
CA GLY F 77 -5.84 -20.01 -6.59
C GLY F 77 -5.16 -21.28 -7.03
N GLY F 78 -5.95 -22.24 -7.52
CA GLY F 78 -5.41 -23.55 -7.93
C GLY F 78 -5.11 -23.65 -9.41
N MET F 79 -5.71 -22.79 -10.22
CA MET F 79 -5.37 -22.82 -11.64
C MET F 79 -4.84 -21.49 -12.10
N GLN F 80 -3.71 -21.53 -12.78
CA GLN F 80 -3.17 -20.31 -13.39
C GLN F 80 -2.66 -20.56 -14.78
N ILE F 81 -2.96 -19.62 -15.66
CA ILE F 81 -2.48 -19.71 -17.04
C ILE F 81 -1.65 -18.50 -17.24
N PHE F 82 -0.90 -18.50 -18.34
CA PHE F 82 -0.10 -17.34 -18.69
C PHE F 82 -0.54 -16.74 -20.00
N VAL F 83 -0.34 -15.44 -20.10
CA VAL F 83 -0.66 -14.73 -21.32
C VAL F 83 0.55 -13.92 -21.77
N LYS F 84 1.02 -14.23 -22.98
CA LYS F 84 2.16 -13.54 -23.59
C LYS F 84 1.69 -12.53 -24.65
N THR F 85 2.10 -11.28 -24.48
CA THR F 85 1.77 -10.20 -25.42
C THR F 85 2.60 -10.38 -26.72
N LEU F 86 2.77 -9.30 -27.47
CA LEU F 86 3.63 -9.37 -28.67
C LEU F 86 5.11 -9.01 -28.37
N THR F 87 5.30 -8.05 -27.45
CA THR F 87 6.64 -7.69 -26.95
C THR F 87 7.33 -8.92 -26.36
N GLY F 88 6.64 -9.55 -25.41
CA GLY F 88 7.20 -10.68 -24.69
C GLY F 88 6.79 -10.75 -23.24
N LYS F 89 6.53 -9.57 -22.63
CA LYS F 89 6.12 -9.56 -21.23
C LYS F 89 5.07 -10.64 -21.01
N THR F 90 5.46 -11.70 -20.33
CA THR F 90 4.54 -12.77 -20.00
C THR F 90 3.90 -12.52 -18.63
N ILE F 91 2.56 -12.55 -18.59
CA ILE F 91 1.87 -12.40 -17.30
C ILE F 91 1.02 -13.62 -16.96
N THR F 92 0.66 -13.73 -15.69
CA THR F 92 -0.02 -14.93 -15.23
C THR F 92 -1.38 -14.56 -14.65
N LEU F 93 -2.42 -15.33 -14.96
CA LEU F 93 -3.77 -15.03 -14.48
C LEU F 93 -4.25 -16.10 -13.52
N GLU F 94 -5.10 -15.71 -12.57
CA GLU F 94 -5.69 -16.69 -11.67
C GLU F 94 -7.06 -17.01 -12.21
N VAL F 95 -7.17 -18.18 -12.85
CA VAL F 95 -8.42 -18.57 -13.56
C VAL F 95 -9.17 -19.79 -13.02
N GLU F 96 -10.36 -20.02 -13.55
CA GLU F 96 -11.15 -21.20 -13.27
C GLU F 96 -11.52 -21.82 -14.60
N PRO F 97 -11.46 -23.17 -14.72
CA PRO F 97 -11.74 -23.77 -16.02
C PRO F 97 -13.08 -23.37 -16.63
N SER F 98 -14.00 -22.86 -15.84
CA SER F 98 -15.25 -22.45 -16.42
C SER F 98 -15.29 -20.94 -16.68
N ASP F 99 -14.19 -20.23 -16.44
CA ASP F 99 -14.11 -18.83 -16.86
C ASP F 99 -14.40 -18.68 -18.36
N THR F 100 -15.30 -17.76 -18.72
CA THR F 100 -15.55 -17.39 -20.13
C THR F 100 -14.41 -16.50 -20.58
N ILE F 101 -14.25 -16.36 -21.91
CA ILE F 101 -13.14 -15.56 -22.45
C ILE F 101 -13.24 -14.06 -22.13
N GLU F 102 -14.47 -13.52 -22.15
CA GLU F 102 -14.67 -12.11 -21.80
C GLU F 102 -14.07 -11.92 -20.44
N ASN F 103 -14.32 -12.90 -19.57
CA ASN F 103 -13.86 -12.87 -18.17
C ASN F 103 -12.36 -12.93 -18.05
N VAL F 104 -11.71 -13.53 -19.05
CA VAL F 104 -10.26 -13.62 -19.13
C VAL F 104 -9.69 -12.36 -19.74
N LYS F 105 -10.50 -11.66 -20.51
CA LYS F 105 -10.06 -10.38 -21.03
C LYS F 105 -10.18 -9.31 -19.92
N ALA F 106 -11.27 -9.40 -19.16
CA ALA F 106 -11.46 -8.54 -18.00
C ALA F 106 -10.35 -8.76 -17.02
N LYS F 107 -9.81 -9.98 -16.95
CA LYS F 107 -8.71 -10.25 -16.03
C LYS F 107 -7.40 -9.68 -16.59
N ILE F 108 -7.30 -9.66 -17.90
CA ILE F 108 -6.14 -9.07 -18.55
C ILE F 108 -6.22 -7.55 -18.48
N GLN F 109 -7.42 -7.00 -18.56
CA GLN F 109 -7.58 -5.54 -18.45
C GLN F 109 -7.01 -5.08 -17.13
N ASP F 110 -7.32 -5.82 -16.07
CA ASP F 110 -6.88 -5.45 -14.74
C ASP F 110 -5.37 -5.50 -14.67
N LYS F 111 -4.78 -6.55 -15.25
CA LYS F 111 -3.34 -6.74 -15.19
C LYS F 111 -2.58 -5.71 -16.03
N GLU F 112 -2.75 -5.74 -17.35
CA GLU F 112 -1.93 -4.91 -18.24
C GLU F 112 -2.64 -3.67 -18.84
N GLY F 113 -3.83 -3.33 -18.33
CA GLY F 113 -4.54 -2.16 -18.82
C GLY F 113 -5.27 -2.33 -20.17
N ILE F 114 -4.99 -3.44 -20.86
CA ILE F 114 -5.53 -3.60 -22.22
C ILE F 114 -7.04 -3.75 -22.21
N PRO F 115 -7.72 -2.76 -22.78
CA PRO F 115 -9.17 -2.87 -22.87
C PRO F 115 -9.66 -4.04 -23.75
N PRO F 116 -10.61 -4.82 -23.21
CA PRO F 116 -11.18 -5.99 -23.82
C PRO F 116 -11.51 -5.86 -25.31
N ASP F 117 -12.12 -4.76 -25.72
CA ASP F 117 -12.46 -4.56 -27.15
C ASP F 117 -11.24 -4.68 -28.09
N GLN F 118 -10.06 -4.46 -27.52
CA GLN F 118 -8.82 -4.45 -28.27
C GLN F 118 -7.98 -5.70 -28.02
N GLN F 119 -8.63 -6.80 -27.63
CA GLN F 119 -7.90 -8.01 -27.34
C GLN F 119 -8.28 -9.11 -28.30
N ARG F 120 -7.27 -9.82 -28.81
CA ARG F 120 -7.51 -11.08 -29.51
C ARG F 120 -6.66 -12.16 -28.87
N LEU F 121 -7.28 -13.25 -28.40
CA LEU F 121 -6.57 -14.32 -27.71
C LEU F 121 -6.59 -15.63 -28.49
N ILE F 122 -5.39 -16.20 -28.63
CA ILE F 122 -5.25 -17.44 -29.35
C ILE F 122 -4.71 -18.51 -28.42
N PHE F 123 -5.27 -19.72 -28.48
CA PHE F 123 -4.72 -20.81 -27.67
C PHE F 123 -4.26 -21.93 -28.55
N ALA F 124 -2.94 -22.03 -28.71
CA ALA F 124 -2.33 -23.00 -29.62
C ALA F 124 -3.13 -23.11 -30.94
N GLY F 125 -2.94 -22.10 -31.81
CA GLY F 125 -3.80 -21.88 -32.99
C GLY F 125 -5.18 -21.64 -32.43
N LYS F 126 -6.15 -21.23 -33.25
CA LYS F 126 -7.50 -21.05 -32.71
C LYS F 126 -7.72 -19.75 -31.92
N GLN F 127 -8.54 -18.88 -32.49
CA GLN F 127 -8.91 -17.65 -31.83
C GLN F 127 -10.09 -17.92 -30.92
N LEU F 128 -9.99 -17.40 -29.68
CA LEU F 128 -10.98 -17.68 -28.63
C LEU F 128 -12.16 -16.70 -28.70
N GLU F 129 -13.35 -17.26 -28.76
CA GLU F 129 -14.57 -16.49 -28.79
C GLU F 129 -15.09 -16.20 -27.37
N ASP F 130 -16.00 -15.23 -27.28
CA ASP F 130 -16.46 -14.68 -26.02
C ASP F 130 -17.61 -15.45 -25.39
N GLY F 131 -18.26 -16.32 -26.16
CA GLY F 131 -19.41 -17.02 -25.59
C GLY F 131 -19.01 -18.31 -24.95
N ARG F 132 -17.74 -18.66 -25.16
CA ARG F 132 -17.17 -19.94 -24.81
C ARG F 132 -16.38 -19.86 -23.50
N THR F 133 -15.93 -20.99 -22.97
CA THR F 133 -15.14 -20.98 -21.74
C THR F 133 -13.77 -21.54 -21.98
N LEU F 134 -12.89 -21.39 -20.98
CA LEU F 134 -11.55 -21.89 -21.03
C LEU F 134 -11.56 -23.42 -21.13
N SER F 135 -12.66 -24.01 -20.69
CA SER F 135 -12.86 -25.46 -20.80
C SER F 135 -13.25 -25.91 -22.21
N ASP F 136 -14.15 -25.15 -22.84
CA ASP F 136 -14.57 -25.44 -24.18
C ASP F 136 -13.37 -25.53 -25.15
N TYR F 137 -12.27 -24.79 -24.87
CA TYR F 137 -11.05 -24.84 -25.71
C TYR F 137 -9.99 -25.75 -25.11
N ASN F 138 -10.40 -26.45 -24.06
CA ASN F 138 -9.53 -27.36 -23.36
C ASN F 138 -8.24 -26.77 -22.82
N ILE F 139 -8.38 -25.62 -22.20
CA ILE F 139 -7.27 -24.90 -21.67
C ILE F 139 -7.18 -25.33 -20.25
N GLN F 140 -5.97 -25.61 -19.77
CA GLN F 140 -5.77 -26.00 -18.38
C GLN F 140 -4.57 -25.36 -17.75
N LYS F 141 -4.32 -25.73 -16.50
CA LYS F 141 -3.22 -25.21 -15.72
C LYS F 141 -1.95 -25.22 -16.54
N GLU F 142 -1.17 -24.14 -16.41
CA GLU F 142 0.15 -23.99 -17.02
C GLU F 142 0.08 -23.59 -18.48
N SER F 143 -1.11 -23.70 -19.07
CA SER F 143 -1.36 -23.37 -20.47
C SER F 143 -1.02 -21.92 -20.72
N THR F 144 -0.46 -21.60 -21.88
CA THR F 144 -0.25 -20.16 -22.19
C THR F 144 -1.01 -19.61 -23.41
N LEU F 145 -1.78 -18.54 -23.21
CA LEU F 145 -2.50 -17.91 -24.33
C LEU F 145 -1.66 -16.77 -24.89
N HIS F 146 -1.72 -16.60 -26.21
CA HIS F 146 -1.01 -15.53 -26.92
C HIS F 146 -1.95 -14.37 -27.18
N LEU F 147 -1.48 -13.16 -26.89
CA LEU F 147 -2.28 -11.95 -27.10
C LEU F 147 -1.86 -11.16 -28.35
N VAL F 148 -2.86 -10.66 -29.06
CA VAL F 148 -2.65 -9.91 -30.29
C VAL F 148 -3.35 -8.55 -30.16
N SER G 2 -18.05 17.63 65.55
CA SER G 2 -19.48 17.38 65.63
C SER G 2 -19.94 16.39 64.56
N LEU G 3 -21.27 16.36 64.36
CA LEU G 3 -21.91 15.53 63.36
C LEU G 3 -21.56 16.05 61.97
N GLU G 4 -20.91 17.20 61.93
CA GLU G 4 -20.47 17.77 60.66
C GLU G 4 -19.24 17.05 60.12
N ASP G 5 -18.39 16.54 61.01
CA ASP G 5 -17.25 15.72 60.60
C ASP G 5 -17.72 14.56 59.71
N LEU G 6 -18.76 13.86 60.20
CA LEU G 6 -19.32 12.69 59.52
C LEU G 6 -20.03 13.01 58.20
N ARG G 7 -20.68 14.17 58.14
CA ARG G 7 -21.36 14.58 56.92
C ARG G 7 -20.37 15.05 55.90
N GLN G 8 -19.33 15.72 56.38
CA GLN G 8 -18.28 16.22 55.50
C GLN G 8 -17.42 15.08 54.96
N GLN G 9 -17.28 14.00 55.74
CA GLN G 9 -16.53 12.84 55.29
C GLN G 9 -17.29 11.98 54.31
N LEU G 10 -18.62 12.03 54.39
CA LEU G 10 -19.48 11.27 53.51
C LEU G 10 -19.37 11.84 52.12
N GLN G 11 -19.41 13.16 52.06
CA GLN G 11 -19.25 13.90 50.82
C GLN G 11 -17.93 13.56 50.13
N GLN G 12 -16.83 13.80 50.83
CA GLN G 12 -15.51 13.44 50.35
C GLN G 12 -15.43 12.02 49.80
N ALA G 13 -16.16 11.10 50.41
CA ALA G 13 -16.13 9.72 50.01
C ALA G 13 -16.98 9.45 48.77
N GLU G 14 -18.16 10.06 48.70
CA GLU G 14 -19.01 9.97 47.51
C GLU G 14 -18.26 10.45 46.27
N GLU G 15 -17.36 11.39 46.48
CA GLU G 15 -16.58 11.98 45.41
C GLU G 15 -15.50 11.03 44.92
N ALA G 16 -14.55 10.69 45.80
CA ALA G 16 -13.52 9.67 45.52
C ALA G 16 -14.12 8.44 44.83
N LEU G 17 -15.40 8.19 45.07
CA LEU G 17 -16.11 7.06 44.49
C LEU G 17 -16.43 7.25 43.00
N VAL G 18 -16.81 8.47 42.65
CA VAL G 18 -17.08 8.84 41.25
C VAL G 18 -15.75 8.94 40.50
N ALA G 19 -14.71 9.29 41.25
CA ALA G 19 -13.34 9.38 40.75
C ALA G 19 -12.86 8.05 40.30
N LYS G 20 -12.84 7.08 41.21
CA LYS G 20 -12.45 5.70 40.90
C LYS G 20 -13.40 5.12 39.86
N GLN G 21 -14.69 5.40 40.02
CA GLN G 21 -15.63 4.89 39.06
C GLN G 21 -15.21 5.25 37.63
N GLU G 22 -14.50 6.37 37.45
CA GLU G 22 -14.05 6.80 36.11
C GLU G 22 -12.85 6.03 35.58
N LEU G 23 -11.83 5.89 36.44
CA LEU G 23 -10.62 5.17 36.09
C LEU G 23 -11.02 3.78 35.71
N ILE G 24 -12.22 3.39 36.14
CA ILE G 24 -12.78 2.09 35.87
C ILE G 24 -13.43 2.05 34.52
N ASP G 25 -14.31 3.02 34.26
CA ASP G 25 -15.05 3.06 33.00
C ASP G 25 -14.04 3.23 31.89
N LYS G 26 -12.96 3.95 32.20
CA LYS G 26 -11.88 4.19 31.27
C LYS G 26 -11.24 2.86 31.00
N LEU G 27 -10.53 2.31 32.00
CA LEU G 27 -9.89 0.99 31.90
C LEU G 27 -10.81 -0.10 31.31
N LYS G 28 -12.10 -0.04 31.63
CA LYS G 28 -13.01 -0.98 31.01
C LYS G 28 -13.13 -0.84 29.48
N GLU G 29 -13.25 0.40 29.01
CA GLU G 29 -13.35 0.68 27.57
C GLU G 29 -12.08 0.26 26.86
N GLU G 30 -10.93 0.66 27.40
CA GLU G 30 -9.65 0.28 26.81
C GLU G 30 -9.54 -1.22 26.74
N ALA G 31 -10.18 -1.92 27.67
CA ALA G 31 -10.08 -3.36 27.69
C ALA G 31 -10.94 -3.95 26.59
N GLU G 32 -12.09 -3.33 26.32
CA GLU G 32 -12.95 -3.82 25.23
C GLU G 32 -12.33 -3.60 23.82
N GLN G 33 -11.60 -2.51 23.66
CA GLN G 33 -10.95 -2.24 22.39
C GLN G 33 -9.81 -3.20 22.18
N HIS G 34 -8.98 -3.38 23.20
CA HIS G 34 -7.94 -4.37 23.12
C HIS G 34 -8.50 -5.75 22.74
N LYS G 35 -9.65 -6.09 23.31
CA LYS G 35 -10.24 -7.41 23.06
C LYS G 35 -10.66 -7.53 21.61
N ILE G 36 -11.23 -6.46 21.05
CA ILE G 36 -11.54 -6.43 19.62
C ILE G 36 -10.25 -6.64 18.83
N VAL G 37 -9.19 -5.89 19.17
CA VAL G 37 -7.91 -6.06 18.48
C VAL G 37 -7.38 -7.49 18.65
N MET G 38 -7.70 -8.10 19.80
CA MET G 38 -7.26 -9.46 20.10
C MET G 38 -7.94 -10.51 19.23
N GLU G 39 -9.27 -10.44 19.14
CA GLU G 39 -10.07 -11.42 18.40
C GLU G 39 -9.53 -11.65 16.98
N THR G 40 -8.63 -10.78 16.54
CA THR G 40 -8.11 -10.83 15.17
C THR G 40 -6.81 -11.61 15.07
N VAL G 41 -6.09 -11.81 16.18
CA VAL G 41 -4.82 -12.55 16.12
C VAL G 41 -4.94 -13.96 15.53
N PRO G 42 -6.06 -14.67 15.78
CA PRO G 42 -6.14 -15.98 15.11
C PRO G 42 -6.16 -15.87 13.59
N VAL G 43 -6.91 -14.89 13.08
CA VAL G 43 -6.96 -14.61 11.65
C VAL G 43 -5.57 -14.27 11.12
N LEU G 44 -4.85 -13.45 11.88
CA LEU G 44 -3.55 -13.00 11.47
C LEU G 44 -2.66 -14.18 11.21
N LYS G 45 -2.73 -15.17 12.11
CA LYS G 45 -1.87 -16.35 12.03
C LYS G 45 -2.34 -17.23 10.90
N ALA G 46 -3.67 -17.31 10.73
CA ALA G 46 -4.29 -17.99 9.60
C ALA G 46 -3.77 -17.45 8.27
N GLN G 47 -3.75 -16.12 8.16
CA GLN G 47 -3.26 -15.46 6.97
C GLN G 47 -1.81 -15.86 6.77
N ALA G 48 -0.98 -15.57 7.77
CA ALA G 48 0.44 -15.90 7.69
C ALA G 48 0.61 -17.33 7.20
N ASP G 49 -0.36 -18.18 7.50
CA ASP G 49 -0.22 -19.62 7.24
C ASP G 49 -0.42 -19.86 5.77
N ILE G 50 -1.58 -19.42 5.32
CA ILE G 50 -1.97 -19.48 3.94
C ILE G 50 -0.87 -18.90 3.06
N TYR G 51 -0.46 -17.64 3.29
CA TYR G 51 0.60 -17.00 2.48
C TYR G 51 1.82 -17.92 2.33
N LYS G 52 2.25 -18.49 3.44
CA LYS G 52 3.31 -19.47 3.40
C LYS G 52 2.89 -20.69 2.57
N ALA G 53 1.60 -20.97 2.49
CA ALA G 53 1.18 -22.16 1.71
C ALA G 53 1.29 -21.84 0.21
N ASP G 54 0.68 -20.73 -0.17
CA ASP G 54 0.69 -20.23 -1.54
C ASP G 54 2.14 -20.12 -2.01
N PHE G 55 2.96 -19.49 -1.18
CA PHE G 55 4.38 -19.43 -1.42
C PHE G 55 4.93 -20.82 -1.79
N GLN G 56 4.76 -21.79 -0.91
CA GLN G 56 5.33 -23.09 -1.19
C GLN G 56 4.86 -23.60 -2.52
N ALA G 57 3.70 -23.13 -3.00
CA ALA G 57 3.18 -23.69 -4.25
C ALA G 57 3.92 -23.07 -5.44
N GLU G 58 4.03 -21.71 -5.46
CA GLU G 58 4.82 -21.04 -6.49
C GLU G 58 6.22 -21.68 -6.60
N ARG G 59 6.83 -21.97 -5.46
CA ARG G 59 8.12 -22.57 -5.56
C ARG G 59 8.14 -24.02 -6.10
N HIS G 60 7.05 -24.78 -6.07
CA HIS G 60 7.26 -26.09 -6.67
C HIS G 60 7.03 -25.94 -8.15
N ALA G 61 6.17 -24.96 -8.48
CA ALA G 61 5.84 -24.65 -9.88
C ALA G 61 7.13 -24.18 -10.54
N ARG G 62 7.81 -23.24 -9.89
CA ARG G 62 9.06 -22.71 -10.39
C ARG G 62 10.03 -23.86 -10.52
N GLU G 63 10.02 -24.72 -9.51
CA GLU G 63 10.94 -25.83 -9.48
C GLU G 63 10.65 -26.80 -10.58
N LYS G 64 9.38 -27.03 -10.88
CA LYS G 64 8.98 -27.96 -11.96
C LYS G 64 9.45 -27.40 -13.33
N LEU G 65 9.25 -26.09 -13.51
CA LEU G 65 9.78 -25.37 -14.65
C LEU G 65 11.28 -25.42 -14.76
N VAL G 66 12.02 -25.04 -13.73
CA VAL G 66 13.48 -25.09 -13.83
C VAL G 66 13.91 -26.44 -14.37
N GLU G 67 13.16 -27.49 -14.07
CA GLU G 67 13.52 -28.83 -14.49
C GLU G 67 13.28 -29.07 -15.98
N LYS G 68 12.28 -28.38 -16.53
CA LYS G 68 12.00 -28.45 -17.96
C LYS G 68 13.01 -27.60 -18.70
N LYS G 69 13.19 -26.38 -18.22
CA LYS G 69 14.17 -25.47 -18.77
C LYS G 69 15.46 -26.21 -19.01
N GLU G 70 15.78 -27.15 -18.14
CA GLU G 70 17.05 -27.85 -18.20
C GLU G 70 17.02 -28.98 -19.24
N TYR G 71 15.86 -29.61 -19.37
CA TYR G 71 15.67 -30.74 -20.27
C TYR G 71 15.73 -30.24 -21.71
N LEU G 72 14.95 -29.19 -21.99
CA LEU G 72 14.99 -28.51 -23.27
C LEU G 72 16.37 -27.95 -23.61
N GLN G 73 17.04 -27.43 -22.60
CA GLN G 73 18.37 -26.91 -22.77
C GLN G 73 19.31 -28.01 -23.28
N GLU G 74 19.18 -29.21 -22.74
CA GLU G 74 20.06 -30.33 -23.08
C GLU G 74 19.75 -30.92 -24.43
N GLN G 75 18.59 -30.57 -24.96
CA GLN G 75 18.11 -31.12 -26.20
C GLN G 75 18.56 -30.25 -27.35
N LEU G 76 18.73 -28.95 -27.07
CA LEU G 76 19.30 -28.02 -28.04
C LEU G 76 20.77 -28.37 -28.19
N GLU G 77 21.47 -28.46 -27.06
CA GLU G 77 22.88 -28.88 -27.05
C GLU G 77 23.11 -30.14 -27.88
N GLN G 78 22.23 -31.13 -27.73
CA GLN G 78 22.39 -32.36 -28.50
C GLN G 78 22.03 -32.17 -29.96
N LEU G 79 20.98 -31.41 -30.22
CA LEU G 79 20.59 -31.20 -31.60
C LEU G 79 21.66 -30.38 -32.31
N GLN G 80 22.33 -29.44 -31.62
CA GLN G 80 23.53 -28.81 -32.21
C GLN G 80 24.60 -29.83 -32.64
N ARG G 81 24.99 -30.73 -31.73
CA ARG G 81 26.09 -31.65 -31.96
C ARG G 81 25.92 -32.42 -33.26
N GLU G 82 24.67 -32.64 -33.67
CA GLU G 82 24.37 -33.47 -34.85
C GLU G 82 24.19 -32.66 -36.14
N PHE G 83 23.94 -31.37 -35.97
CA PHE G 83 23.73 -30.45 -37.07
C PHE G 83 25.08 -30.02 -37.59
N ASN G 84 25.99 -29.75 -36.65
CA ASN G 84 27.35 -29.39 -36.98
C ASN G 84 28.06 -30.51 -37.69
N LYS G 85 27.43 -31.68 -37.67
CA LYS G 85 28.01 -32.86 -38.29
C LYS G 85 27.75 -32.87 -39.79
N LEU G 86 26.48 -32.90 -40.18
CA LEU G 86 26.13 -33.10 -41.59
C LEU G 86 26.91 -32.23 -42.59
N LYS G 87 26.78 -30.90 -42.43
CA LYS G 87 27.33 -29.88 -43.36
C LYS G 87 26.84 -30.01 -44.83
N SER H 2 -29.52 9.01 62.69
CA SER H 2 -28.50 10.03 62.60
C SER H 2 -27.22 9.51 63.18
N LEU H 3 -26.66 10.25 64.12
CA LEU H 3 -25.31 9.79 64.49
C LEU H 3 -25.27 8.27 64.30
N GLU H 4 -26.39 7.74 63.83
CA GLU H 4 -26.57 6.34 63.52
C GLU H 4 -26.35 6.08 62.02
N ASP H 5 -27.39 6.32 61.22
CA ASP H 5 -27.38 6.00 59.79
C ASP H 5 -26.37 6.82 59.00
N LEU H 6 -25.88 7.92 59.59
CA LEU H 6 -24.90 8.78 58.94
C LEU H 6 -23.59 8.04 58.78
N ARG H 7 -23.08 7.54 59.90
CA ARG H 7 -21.86 6.74 59.93
C ARG H 7 -22.08 5.36 59.29
N GLN H 8 -23.35 4.98 59.12
CA GLN H 8 -23.71 3.79 58.40
C GLN H 8 -23.35 4.00 56.95
N GLN H 9 -23.74 5.17 56.42
CA GLN H 9 -23.52 5.53 55.03
C GLN H 9 -22.05 5.76 54.78
N LEU H 10 -21.34 6.27 55.78
CA LEU H 10 -19.92 6.52 55.69
C LEU H 10 -19.17 5.23 55.49
N GLN H 11 -19.44 4.25 56.34
CA GLN H 11 -18.76 2.97 56.20
C GLN H 11 -19.29 2.14 55.07
N GLN H 12 -20.56 2.35 54.72
CA GLN H 12 -21.15 1.67 53.57
C GLN H 12 -20.59 2.23 52.27
N ALA H 13 -20.17 3.50 52.33
CA ALA H 13 -19.51 4.13 51.20
C ALA H 13 -18.07 3.63 51.15
N GLU H 14 -17.37 3.75 52.29
CA GLU H 14 -15.97 3.31 52.37
C GLU H 14 -15.72 1.92 51.82
N GLU H 15 -16.64 0.99 52.08
CA GLU H 15 -16.52 -0.37 51.55
C GLU H 15 -16.61 -0.38 50.02
N ALA H 16 -17.57 0.36 49.49
CA ALA H 16 -17.74 0.43 48.04
C ALA H 16 -16.49 0.98 47.38
N LEU H 17 -15.82 1.92 48.07
CA LEU H 17 -14.59 2.48 47.56
C LEU H 17 -13.53 1.40 47.45
N VAL H 18 -13.27 0.73 48.57
CA VAL H 18 -12.31 -0.38 48.63
C VAL H 18 -12.61 -1.42 47.56
N ALA H 19 -13.92 -1.73 47.44
CA ALA H 19 -14.43 -2.61 46.40
C ALA H 19 -13.90 -2.17 45.04
N LYS H 20 -14.21 -0.93 44.69
CA LYS H 20 -13.81 -0.35 43.43
C LYS H 20 -12.31 -0.27 43.23
N GLN H 21 -11.57 0.09 44.26
CA GLN H 21 -10.12 0.11 44.17
C GLN H 21 -9.47 -1.26 43.98
N GLU H 22 -10.17 -2.33 44.32
CA GLU H 22 -9.67 -3.68 44.06
C GLU H 22 -9.95 -4.05 42.62
N LEU H 23 -11.15 -3.68 42.16
CA LEU H 23 -11.52 -3.85 40.78
C LEU H 23 -10.46 -3.22 39.89
N ILE H 24 -10.09 -1.98 40.22
CA ILE H 24 -9.05 -1.24 39.53
C ILE H 24 -7.72 -1.99 39.51
N ASP H 25 -7.25 -2.41 40.68
CA ASP H 25 -5.99 -3.14 40.76
C ASP H 25 -6.02 -4.35 39.85
N LYS H 26 -7.19 -4.99 39.75
CA LYS H 26 -7.41 -6.15 38.89
C LYS H 26 -7.31 -5.73 37.44
N LEU H 27 -8.15 -4.74 37.10
CA LEU H 27 -8.14 -4.11 35.77
C LEU H 27 -6.76 -3.59 35.33
N LYS H 28 -6.06 -2.90 36.24
CA LYS H 28 -4.74 -2.37 35.96
C LYS H 28 -3.80 -3.51 35.61
N GLU H 29 -3.69 -4.47 36.51
CA GLU H 29 -2.73 -5.55 36.36
C GLU H 29 -3.11 -6.56 35.30
N GLU H 30 -4.37 -6.54 34.88
CA GLU H 30 -4.81 -7.37 33.78
C GLU H 30 -4.42 -6.70 32.44
N ALA H 31 -4.47 -5.37 32.44
CA ALA H 31 -4.07 -4.57 31.30
C ALA H 31 -2.59 -4.75 31.07
N GLU H 32 -1.86 -5.01 32.15
CA GLU H 32 -0.42 -5.13 32.05
C GLU H 32 -0.10 -6.27 31.11
N GLN H 33 -0.90 -7.33 31.19
CA GLN H 33 -0.71 -8.50 30.35
C GLN H 33 -1.29 -8.23 28.94
N HIS H 34 -2.28 -7.35 28.86
CA HIS H 34 -2.88 -7.07 27.57
C HIS H 34 -1.86 -6.40 26.68
N LYS H 35 -1.14 -5.43 27.25
CA LYS H 35 -0.16 -4.59 26.52
C LYS H 35 1.16 -5.29 26.16
N ILE H 36 1.31 -6.55 26.53
CA ILE H 36 2.50 -7.33 26.18
C ILE H 36 2.10 -8.40 25.19
N VAL H 37 0.81 -8.72 25.10
CA VAL H 37 0.33 -9.60 24.05
C VAL H 37 0.04 -8.75 22.84
N MET H 38 -0.46 -7.54 23.11
CA MET H 38 -0.79 -6.56 22.07
C MET H 38 0.38 -6.30 21.11
N GLU H 39 1.60 -6.34 21.64
CA GLU H 39 2.82 -6.07 20.89
C GLU H 39 3.00 -7.06 19.76
N THR H 40 2.28 -8.17 19.88
CA THR H 40 2.38 -9.29 18.97
C THR H 40 1.56 -9.06 17.68
N VAL H 41 0.73 -8.03 17.67
CA VAL H 41 -0.18 -7.77 16.56
C VAL H 41 0.51 -6.99 15.42
N PRO H 42 1.24 -5.90 15.75
CA PRO H 42 2.11 -5.37 14.69
C PRO H 42 3.01 -6.44 14.06
N VAL H 43 3.69 -7.25 14.86
CA VAL H 43 4.62 -8.26 14.32
C VAL H 43 3.92 -9.37 13.49
N LEU H 44 2.61 -9.51 13.66
CA LEU H 44 1.88 -10.50 12.89
C LEU H 44 1.44 -9.95 11.54
N LYS H 45 1.40 -8.61 11.44
CA LYS H 45 1.08 -7.92 10.22
C LYS H 45 2.38 -7.85 9.44
N ALA H 46 3.39 -7.31 10.10
CA ALA H 46 4.69 -7.20 9.48
C ALA H 46 5.14 -8.55 8.92
N GLN H 47 4.49 -9.65 9.31
CA GLN H 47 4.91 -10.95 8.81
C GLN H 47 4.13 -11.31 7.55
N ALA H 48 2.87 -10.92 7.53
CA ALA H 48 1.98 -11.20 6.42
C ALA H 48 2.53 -10.52 5.19
N ASP H 49 2.99 -9.29 5.40
CA ASP H 49 3.51 -8.48 4.31
C ASP H 49 4.79 -9.07 3.72
N ILE H 50 5.68 -9.55 4.61
CA ILE H 50 6.89 -10.23 4.19
C ILE H 50 6.58 -11.51 3.41
N TYR H 51 5.47 -12.16 3.74
CA TYR H 51 5.22 -13.47 3.16
C TYR H 51 4.61 -13.26 1.81
N LYS H 52 3.75 -12.25 1.71
CA LYS H 52 3.16 -11.84 0.43
C LYS H 52 4.30 -11.52 -0.52
N ALA H 53 5.16 -10.57 -0.13
CA ALA H 53 6.30 -10.17 -0.94
C ALA H 53 7.13 -11.36 -1.44
N ASP H 54 7.39 -12.32 -0.54
CA ASP H 54 8.22 -13.48 -0.89
C ASP H 54 7.52 -14.32 -1.93
N PHE H 55 6.20 -14.19 -1.97
CA PHE H 55 5.38 -14.92 -2.90
C PHE H 55 5.57 -14.32 -4.24
N GLN H 56 5.37 -13.00 -4.33
CA GLN H 56 5.52 -12.32 -5.63
C GLN H 56 6.91 -12.38 -6.18
N ALA H 57 7.91 -12.56 -5.32
CA ALA H 57 9.26 -12.79 -5.80
C ALA H 57 9.37 -14.18 -6.39
N GLU H 58 8.55 -15.09 -5.88
CA GLU H 58 8.53 -16.44 -6.38
C GLU H 58 7.70 -16.48 -7.66
N ARG H 59 6.61 -15.74 -7.70
CA ARG H 59 5.82 -15.69 -8.92
C ARG H 59 6.57 -15.07 -10.08
N HIS H 60 7.17 -13.93 -9.80
CA HIS H 60 8.00 -13.26 -10.75
C HIS H 60 8.99 -14.28 -11.26
N ALA H 61 9.83 -14.79 -10.35
CA ALA H 61 10.87 -15.74 -10.73
C ALA H 61 10.31 -16.80 -11.66
N ARG H 62 9.05 -17.15 -11.45
CA ARG H 62 8.38 -18.18 -12.24
C ARG H 62 8.09 -17.68 -13.65
N GLU H 63 7.59 -16.45 -13.77
CA GLU H 63 7.32 -15.86 -15.06
C GLU H 63 8.56 -15.81 -15.92
N LYS H 64 9.65 -15.21 -15.40
CA LYS H 64 10.96 -15.29 -16.08
C LYS H 64 11.21 -16.68 -16.65
N LEU H 65 11.00 -17.70 -15.81
CA LEU H 65 11.22 -19.08 -16.21
C LEU H 65 10.23 -19.58 -17.27
N VAL H 66 9.03 -19.01 -17.29
CA VAL H 66 7.98 -19.48 -18.19
C VAL H 66 8.31 -19.01 -19.60
N GLU H 67 8.89 -17.82 -19.70
CA GLU H 67 9.27 -17.34 -20.98
C GLU H 67 10.60 -17.96 -21.42
N LYS H 68 11.55 -18.15 -20.50
CA LYS H 68 12.80 -18.76 -20.90
C LYS H 68 12.55 -20.16 -21.49
N LYS H 69 11.45 -20.79 -21.07
CA LYS H 69 11.02 -22.10 -21.55
C LYS H 69 10.41 -22.00 -22.95
N GLU H 70 9.59 -20.96 -23.12
CA GLU H 70 8.89 -20.64 -24.35
C GLU H 70 9.87 -20.35 -25.49
N TYR H 71 10.93 -19.61 -25.17
CA TYR H 71 11.97 -19.22 -26.14
C TYR H 71 12.85 -20.39 -26.50
N LEU H 72 13.21 -21.18 -25.51
CA LEU H 72 13.96 -22.41 -25.76
C LEU H 72 13.17 -23.39 -26.60
N GLN H 73 11.85 -23.36 -26.45
CA GLN H 73 11.01 -24.25 -27.22
C GLN H 73 10.99 -23.88 -28.70
N GLU H 74 11.26 -22.62 -28.99
CA GLU H 74 11.30 -22.11 -30.35
C GLU H 74 12.68 -22.31 -30.96
N GLN H 75 13.72 -22.11 -30.17
CA GLN H 75 15.07 -22.39 -30.62
C GLN H 75 15.15 -23.80 -31.18
N LEU H 76 14.46 -24.72 -30.51
CA LEU H 76 14.42 -26.12 -30.89
C LEU H 76 13.65 -26.35 -32.17
N GLU H 77 12.46 -25.80 -32.26
CA GLU H 77 11.68 -25.95 -33.48
C GLU H 77 12.42 -25.39 -34.70
N GLN H 78 13.04 -24.21 -34.52
CA GLN H 78 13.92 -23.56 -35.53
C GLN H 78 15.10 -24.44 -35.96
N LEU H 79 15.97 -24.73 -35.00
CA LEU H 79 17.12 -25.58 -35.24
C LEU H 79 16.75 -26.91 -35.88
N GLN H 80 15.53 -27.37 -35.63
CA GLN H 80 15.05 -28.61 -36.25
C GLN H 80 14.81 -28.41 -37.73
N ARG H 81 14.02 -27.38 -38.05
CA ARG H 81 13.75 -27.02 -39.42
C ARG H 81 15.06 -26.84 -40.21
N GLU H 82 16.04 -26.18 -39.57
CA GLU H 82 17.38 -26.00 -40.12
C GLU H 82 18.12 -27.31 -40.26
N PHE H 83 17.80 -28.31 -39.45
CA PHE H 83 18.47 -29.62 -39.56
C PHE H 83 17.83 -30.53 -40.60
N ASN H 84 16.49 -30.53 -40.65
CA ASN H 84 15.76 -31.43 -41.57
C ASN H 84 15.90 -30.93 -43.01
N LYS H 85 16.41 -29.70 -43.15
CA LYS H 85 16.69 -29.06 -44.45
C LYS H 85 17.80 -29.77 -45.21
N LEU H 86 18.97 -29.92 -44.58
CA LEU H 86 20.14 -30.52 -45.27
C LEU H 86 20.11 -32.05 -45.29
N LYS H 87 19.02 -32.61 -44.77
CA LYS H 87 18.72 -34.06 -44.80
C LYS H 87 19.88 -34.93 -44.32
#